data_6NJ7
#
_entry.id   6NJ7
#
_cell.length_a   57.022
_cell.length_b   153.749
_cell.length_c   74.051
_cell.angle_alpha   90.00
_cell.angle_beta   93.24
_cell.angle_gamma   90.00
#
_symmetry.space_group_name_H-M   'P 1 21 1'
#
loop_
_entity.id
_entity.type
_entity.pdbx_description
1 polymer 'Corticosteroid 11-beta-dehydrogenase isozyme 1'
2 non-polymer 'NADP NICOTINAMIDE-ADENINE-DINUCLEOTIDE PHOSPHATE'
3 non-polymer '(1S,4S,5S,9S)-9-hydroxy-8-methyl-4-(propan-2-yl)spiro[4.5]dec-7-ene-1-carboxylic acid'
4 water water
#
_entity_poly.entity_id   1
_entity_poly.type   'polypeptide(L)'
_entity_poly.pdbx_seq_one_letter_code
;MKHQHQHQHQHQHQQPLQPLNEEFRPEMLQGKKVIVTGASKGIGREMAYHLAKMGAHVVVTARSKETLQKVVSHCLELGA
ASAHYIAGTMEDMTFAEQFVAQAGKLMGGLDMLILNHITNTSLNLFHDDIHHVRKSMEVNFLSYVVLTVAALPMLKQSNG
SIVVVSSLAGKVAYPMVAAYSASKFALDGFFSSIRKEYSVSRVNVSITLCVLGLIDTETAMKAVSGIVHMQAAPKEECAL
EIIKGGALRQEEVYYDSSLWTTLLIRNPSRKILEFLYSTSYNMDRFINK
;
_entity_poly.pdbx_strand_id   A,B,C,D
#
loop_
_chem_comp.id
_chem_comp.type
_chem_comp.name
_chem_comp.formula
7H6 non-polymer '(1S,4S,5S,9S)-9-hydroxy-8-methyl-4-(propan-2-yl)spiro[4.5]dec-7-ene-1-carboxylic acid' 'C15 H24 O3'
NAP non-polymer 'NADP NICOTINAMIDE-ADENINE-DINUCLEOTIDE PHOSPHATE' 'C21 H28 N7 O17 P3'
#
# COMPACT_ATOMS: atom_id res chain seq x y z
N GLY A 31 18.72 10.04 36.12
CA GLY A 31 18.21 11.31 36.73
C GLY A 31 17.08 12.03 36.04
N LYS A 32 16.35 11.36 35.14
CA LYS A 32 15.15 11.91 34.51
C LYS A 32 13.92 11.52 35.34
N LYS A 33 13.03 12.49 35.58
CA LYS A 33 11.79 12.27 36.33
C LYS A 33 10.70 11.75 35.39
N VAL A 34 10.11 10.60 35.77
CA VAL A 34 9.17 9.87 34.90
C VAL A 34 7.95 9.40 35.68
N ILE A 35 6.77 9.49 35.04
CA ILE A 35 5.54 8.87 35.55
C ILE A 35 5.27 7.59 34.76
N VAL A 36 4.79 6.57 35.46
CA VAL A 36 4.34 5.34 34.81
C VAL A 36 2.97 4.97 35.38
N THR A 37 1.94 5.03 34.52
CA THR A 37 0.59 4.66 34.90
C THR A 37 0.37 3.18 34.60
N GLY A 38 -0.60 2.55 35.27
CA GLY A 38 -0.78 1.11 35.18
C GLY A 38 0.47 0.32 35.47
N ALA A 39 1.25 0.79 36.45
CA ALA A 39 2.59 0.26 36.73
C ALA A 39 2.67 -0.81 37.84
N SER A 40 1.54 -1.31 38.31
CA SER A 40 1.53 -2.37 39.33
C SER A 40 1.87 -3.76 38.77
N LYS A 41 1.67 -3.96 37.48
CA LYS A 41 1.94 -5.25 36.87
C LYS A 41 2.22 -5.13 35.36
N GLY A 42 2.42 -6.29 34.71
CA GLY A 42 2.61 -6.39 33.27
C GLY A 42 3.68 -5.46 32.73
N ILE A 43 3.38 -4.82 31.60
CA ILE A 43 4.36 -4.00 30.87
C ILE A 43 4.67 -2.72 31.64
N GLY A 44 3.67 -2.20 32.37
CA GLY A 44 3.85 -1.01 33.20
C GLY A 44 4.92 -1.23 34.25
N ARG A 45 4.74 -2.31 35.02
CA ARG A 45 5.70 -2.76 36.04
C ARG A 45 7.12 -2.95 35.49
N GLU A 46 7.23 -3.63 34.35
CA GLU A 46 8.53 -3.88 33.71
C GLU A 46 9.22 -2.59 33.29
N MET A 47 8.43 -1.62 32.80
CA MET A 47 8.95 -0.31 32.45
C MET A 47 9.50 0.43 33.67
N ALA A 48 8.79 0.30 34.78
CA ALA A 48 9.24 0.88 36.04
C ALA A 48 10.61 0.33 36.42
N TYR A 49 10.79 -0.98 36.28
CA TYR A 49 12.08 -1.63 36.60
C TYR A 49 13.22 -1.15 35.72
N HIS A 50 13.05 -1.19 34.42
CA HIS A 50 14.04 -0.64 33.50
C HIS A 50 14.39 0.79 33.86
N LEU A 51 13.38 1.59 34.20
CA LEU A 51 13.59 3.00 34.54
C LEU A 51 14.41 3.19 35.81
N ALA A 52 14.16 2.35 36.81
CA ALA A 52 14.96 2.36 38.03
C ALA A 52 16.40 1.94 37.73
N LYS A 53 16.54 0.82 37.02
CA LYS A 53 17.86 0.29 36.62
C LYS A 53 18.72 1.24 35.76
N MET A 54 18.13 2.31 35.19
CA MET A 54 18.87 3.39 34.49
C MET A 54 19.11 4.63 35.38
N GLY A 55 18.71 4.55 36.66
CA GLY A 55 18.90 5.63 37.61
C GLY A 55 17.96 6.79 37.39
N ALA A 56 16.68 6.50 37.20
CA ALA A 56 15.67 7.53 36.96
C ALA A 56 14.80 7.72 38.19
N HIS A 57 14.25 8.93 38.32
CA HIS A 57 13.26 9.25 39.36
C HIS A 57 11.92 8.76 38.83
N VAL A 58 11.18 8.01 39.65
CA VAL A 58 9.97 7.31 39.21
C VAL A 58 8.78 7.46 40.16
N VAL A 59 7.63 7.86 39.62
CA VAL A 59 6.36 7.78 40.34
C VAL A 59 5.43 6.81 39.61
N VAL A 60 4.98 5.77 40.33
CA VAL A 60 4.12 4.75 39.76
C VAL A 60 2.69 4.89 40.29
N THR A 61 1.72 4.33 39.58
CA THR A 61 0.33 4.34 40.01
C THR A 61 -0.47 3.20 39.45
N ALA A 62 -1.61 2.98 40.09
CA ALA A 62 -2.58 1.91 39.81
C ALA A 62 -3.66 2.06 40.90
N ARG A 63 -4.56 1.10 41.05
CA ARG A 63 -5.54 1.15 42.15
C ARG A 63 -5.06 0.42 43.41
N SER A 64 -4.42 -0.73 43.22
CA SER A 64 -4.03 -1.61 44.33
C SER A 64 -2.79 -1.09 45.03
N LYS A 65 -2.95 -0.63 46.27
CA LYS A 65 -1.84 -0.11 47.09
C LYS A 65 -0.79 -1.17 47.45
N GLU A 66 -1.23 -2.43 47.56
CA GLU A 66 -0.38 -3.52 48.03
C GLU A 66 0.73 -3.86 47.03
N THR A 67 0.32 -4.17 45.80
CA THR A 67 1.27 -4.51 44.74
C THR A 67 2.12 -3.30 44.33
N LEU A 68 1.59 -2.09 44.51
CA LEU A 68 2.37 -0.87 44.26
C LEU A 68 3.50 -0.69 45.24
N GLN A 69 3.25 -0.99 46.52
CA GLN A 69 4.31 -0.95 47.55
C GLN A 69 5.48 -1.85 47.15
N LYS A 70 5.16 -3.06 46.70
CA LYS A 70 6.16 -4.01 46.22
C LYS A 70 7.00 -3.47 45.06
N VAL A 71 6.36 -2.78 44.13
CA VAL A 71 7.07 -2.22 42.96
C VAL A 71 7.99 -1.07 43.39
N VAL A 72 7.55 -0.24 44.33
CA VAL A 72 8.33 0.90 44.80
C VAL A 72 9.67 0.46 45.38
N SER A 73 9.65 -0.62 46.15
CA SER A 73 10.86 -1.16 46.78
C SER A 73 11.86 -1.78 45.80
N HIS A 74 11.37 -2.69 44.95
CA HIS A 74 12.18 -3.32 43.89
C HIS A 74 12.82 -2.26 42.97
N CYS A 75 12.14 -1.14 42.80
CA CYS A 75 12.70 0.02 42.09
C CYS A 75 13.85 0.65 42.86
N LEU A 76 13.65 0.84 44.17
CA LEU A 76 14.73 1.33 45.04
C LEU A 76 15.97 0.41 44.97
N GLU A 77 15.73 -0.92 44.99
CA GLU A 77 16.77 -1.94 44.84
C GLU A 77 17.59 -1.87 43.55
N LEU A 78 16.94 -1.53 42.43
CA LEU A 78 17.59 -1.55 41.10
C LEU A 78 18.30 -0.25 40.75
N GLY A 79 18.46 0.67 41.71
CA GLY A 79 19.20 1.91 41.49
C GLY A 79 18.33 3.08 41.09
N ALA A 80 17.04 3.03 41.43
CA ALA A 80 16.14 4.15 41.21
C ALA A 80 16.68 5.38 41.94
N ALA A 81 16.79 6.50 41.20
CA ALA A 81 17.11 7.80 41.81
C ALA A 81 16.06 8.21 42.87
N SER A 82 14.81 7.80 42.66
CA SER A 82 13.74 7.89 43.67
C SER A 82 12.54 7.07 43.17
N ALA A 83 11.67 6.67 44.09
CA ALA A 83 10.56 5.79 43.78
C ALA A 83 9.44 5.94 44.79
N HIS A 84 8.28 6.44 44.34
CA HIS A 84 7.06 6.48 45.17
C HIS A 84 5.84 6.10 44.36
N TYR A 85 4.79 5.69 45.06
CA TYR A 85 3.52 5.35 44.42
C TYR A 85 2.38 6.21 44.91
N ILE A 86 1.37 6.37 44.07
CA ILE A 86 0.10 6.98 44.46
C ILE A 86 -1.01 6.12 43.91
N ALA A 87 -1.86 5.60 44.80
CA ALA A 87 -2.94 4.70 44.40
C ALA A 87 -4.19 5.49 44.08
N GLY A 88 -4.95 4.97 43.13
CA GLY A 88 -6.21 5.58 42.70
C GLY A 88 -6.68 5.06 41.36
N THR A 89 -7.97 5.24 41.11
CA THR A 89 -8.62 4.79 39.88
C THR A 89 -8.66 5.91 38.89
N MET A 90 -8.30 5.58 37.65
CA MET A 90 -8.31 6.55 36.57
C MET A 90 -9.71 6.64 35.95
N GLU A 91 -10.68 5.91 36.51
CA GLU A 91 -12.10 6.23 36.36
C GLU A 91 -12.42 7.64 36.84
N ASP A 92 -11.65 8.13 37.80
CA ASP A 92 -11.82 9.46 38.37
C ASP A 92 -10.84 10.48 37.76
N MET A 93 -11.40 11.41 37.01
CA MET A 93 -10.64 12.46 36.34
C MET A 93 -10.07 13.48 37.34
N THR A 94 -10.70 13.59 38.50
CA THR A 94 -10.18 14.40 39.60
C THR A 94 -8.90 13.80 40.15
N PHE A 95 -8.89 12.48 40.35
CA PHE A 95 -7.68 11.80 40.78
C PHE A 95 -6.55 11.99 39.76
N ALA A 96 -6.85 11.76 38.49
CA ALA A 96 -5.84 11.85 37.43
C ALA A 96 -5.21 13.24 37.43
N GLU A 97 -6.05 14.27 37.40
CA GLU A 97 -5.61 15.68 37.43
C GLU A 97 -4.71 15.97 38.63
N GLN A 98 -5.13 15.51 39.80
CA GLN A 98 -4.36 15.72 41.05
C GLN A 98 -3.18 14.78 41.20
N PHE A 99 -3.23 13.59 40.58
CA PHE A 99 -2.10 12.65 40.59
C PHE A 99 -0.87 13.22 39.90
N VAL A 100 -1.09 13.88 38.77
CA VAL A 100 -0.01 14.46 38.00
C VAL A 100 0.59 15.62 38.78
N ALA A 101 -0.26 16.40 39.43
CA ALA A 101 0.20 17.50 40.29
C ALA A 101 1.09 16.99 41.44
N GLN A 102 0.60 15.99 42.17
CA GLN A 102 1.30 15.43 43.34
C GLN A 102 2.63 14.77 42.93
N ALA A 103 2.59 13.93 41.90
CA ALA A 103 3.81 13.30 41.36
C ALA A 103 4.84 14.34 40.87
N GLY A 104 4.34 15.45 40.31
CA GLY A 104 5.18 16.54 39.86
C GLY A 104 5.86 17.34 40.96
N LYS A 105 5.14 17.56 42.07
CA LYS A 105 5.71 18.22 43.25
C LYS A 105 6.71 17.31 43.97
N LEU A 106 6.33 16.04 44.11
CA LEU A 106 7.21 15.03 44.71
C LEU A 106 8.56 14.87 44.00
N MET A 107 8.60 15.16 42.69
CA MET A 107 9.82 15.10 41.87
C MET A 107 10.34 16.46 41.39
N GLY A 108 9.61 17.54 41.70
CA GLY A 108 10.01 18.89 41.30
C GLY A 108 10.07 19.12 39.81
N GLY A 109 9.15 18.49 39.07
CA GLY A 109 9.13 18.51 37.62
C GLY A 109 8.89 17.15 37.00
N LEU A 110 8.86 17.13 35.67
CA LEU A 110 8.52 15.93 34.91
C LEU A 110 9.15 15.98 33.52
N ASP A 111 9.76 14.86 33.11
CA ASP A 111 10.44 14.72 31.81
C ASP A 111 9.72 13.79 30.83
N MET A 112 9.21 12.68 31.33
CA MET A 112 8.54 11.69 30.50
C MET A 112 7.28 11.18 31.18
N LEU A 113 6.16 11.27 30.47
CA LEU A 113 4.87 10.76 30.93
C LEU A 113 4.56 9.51 30.13
N ILE A 114 4.44 8.38 30.82
CA ILE A 114 4.07 7.12 30.19
C ILE A 114 2.65 6.71 30.57
N LEU A 115 1.77 6.75 29.59
CA LEU A 115 0.36 6.43 29.76
C LEU A 115 0.13 5.01 29.24
N ASN A 116 -0.15 4.10 30.16
CA ASN A 116 -0.09 2.67 29.91
C ASN A 116 -1.32 1.91 30.41
N HIS A 117 -1.89 2.34 31.53
CA HIS A 117 -3.05 1.69 32.15
C HIS A 117 -4.27 1.49 31.25
N ILE A 118 -5.09 0.50 31.57
CA ILE A 118 -6.39 0.27 30.93
C ILE A 118 -7.38 -0.41 31.88
N THR A 119 -8.66 -0.14 31.70
CA THR A 119 -9.73 -0.87 32.40
C THR A 119 -9.72 -2.36 32.04
N ASN A 120 -10.19 -3.19 32.97
CA ASN A 120 -10.17 -4.64 32.79
C ASN A 120 -11.10 -4.98 31.63
N THR A 121 -10.59 -5.73 30.65
CA THR A 121 -11.36 -6.09 29.46
C THR A 121 -11.22 -7.56 29.06
N SER A 122 -12.35 -8.20 28.81
CA SER A 122 -12.38 -9.59 28.37
C SER A 122 -12.61 -9.65 26.87
N LEU A 123 -12.41 -10.84 26.29
CA LEU A 123 -12.80 -11.10 24.91
C LEU A 123 -14.23 -11.64 24.85
N ASN A 124 -15.13 -10.85 24.27
CA ASN A 124 -16.53 -11.21 24.19
C ASN A 124 -17.14 -10.53 22.98
N LEU A 125 -18.14 -11.18 22.40
CA LEU A 125 -18.95 -10.58 21.37
C LEU A 125 -19.77 -9.49 22.03
N PHE A 126 -19.64 -8.26 21.53
CA PHE A 126 -20.39 -7.13 22.04
C PHE A 126 -21.88 -7.40 21.85
N HIS A 127 -22.66 -7.17 22.90
CA HIS A 127 -24.11 -7.36 22.86
C HIS A 127 -24.83 -6.03 23.04
N ASP A 128 -25.02 -5.61 24.29
CA ASP A 128 -25.66 -4.33 24.59
C ASP A 128 -25.05 -3.61 25.79
N ASP A 129 -23.89 -4.09 26.25
CA ASP A 129 -23.25 -3.57 27.45
C ASP A 129 -22.54 -2.23 27.17
N ILE A 130 -23.37 -1.20 27.07
CA ILE A 130 -22.91 0.17 26.85
C ILE A 130 -21.99 0.65 27.97
N HIS A 131 -22.20 0.11 29.18
CA HIS A 131 -21.38 0.43 30.36
C HIS A 131 -19.90 0.17 30.10
N HIS A 132 -19.59 -0.99 29.52
CA HIS A 132 -18.21 -1.34 29.23
C HIS A 132 -17.61 -0.36 28.21
N VAL A 133 -18.41 -0.02 27.20
CA VAL A 133 -17.97 0.91 26.16
C VAL A 133 -17.66 2.29 26.77
N ARG A 134 -18.60 2.80 27.56
CA ARG A 134 -18.42 4.08 28.23
C ARG A 134 -17.20 4.06 29.14
N LYS A 135 -17.09 3.00 29.95
CA LYS A 135 -15.96 2.85 30.87
C LYS A 135 -14.62 2.78 30.14
N SER A 136 -14.60 2.00 29.06
CA SER A 136 -13.42 1.90 28.22
C SER A 136 -12.92 3.25 27.67
N MET A 137 -13.83 4.11 27.17
CA MET A 137 -13.42 5.42 26.66
C MET A 137 -12.94 6.33 27.79
N GLU A 138 -13.57 6.19 28.95
CA GLU A 138 -13.15 6.91 30.16
C GLU A 138 -11.71 6.58 30.58
N VAL A 139 -11.46 5.32 30.93
CA VAL A 139 -10.17 4.94 31.53
C VAL A 139 -9.06 4.96 30.50
N ASN A 140 -9.33 4.33 29.35
CA ASN A 140 -8.31 4.03 28.34
C ASN A 140 -7.98 5.22 27.43
N PHE A 141 -8.97 6.07 27.14
CA PHE A 141 -8.74 7.26 26.28
C PHE A 141 -8.87 8.59 27.03
N LEU A 142 -9.97 8.76 27.75
CA LEU A 142 -10.28 10.08 28.32
C LEU A 142 -9.33 10.47 29.47
N SER A 143 -9.06 9.53 30.37
CA SER A 143 -8.09 9.76 31.44
C SER A 143 -6.73 10.19 30.90
N TYR A 144 -6.32 9.62 29.78
CA TYR A 144 -5.05 9.95 29.14
C TYR A 144 -4.99 11.44 28.72
N VAL A 145 -6.13 11.96 28.25
CA VAL A 145 -6.21 13.36 27.84
C VAL A 145 -6.08 14.25 29.07
N VAL A 146 -6.84 13.94 30.11
CA VAL A 146 -6.77 14.68 31.36
C VAL A 146 -5.34 14.68 31.87
N LEU A 147 -4.74 13.49 31.94
CA LEU A 147 -3.35 13.31 32.45
C LEU A 147 -2.39 14.15 31.64
N THR A 148 -2.61 14.17 30.33
CA THR A 148 -1.78 14.95 29.41
C THR A 148 -1.90 16.45 29.65
N VAL A 149 -3.15 16.92 29.75
CA VAL A 149 -3.44 18.33 29.95
C VAL A 149 -2.75 18.83 31.21
N ALA A 150 -2.82 18.02 32.26
CA ALA A 150 -2.19 18.30 33.54
C ALA A 150 -0.66 18.40 33.44
N ALA A 151 -0.06 17.48 32.68
CA ALA A 151 1.40 17.39 32.57
C ALA A 151 2.05 18.44 31.69
N LEU A 152 1.24 19.08 30.84
CA LEU A 152 1.75 19.89 29.75
C LEU A 152 2.69 21.05 30.16
N PRO A 153 2.31 21.83 31.20
CA PRO A 153 3.23 22.87 31.70
C PRO A 153 4.58 22.31 32.16
N MET A 154 4.55 21.27 32.98
CA MET A 154 5.78 20.60 33.40
C MET A 154 6.58 20.01 32.24
N LEU A 155 5.87 19.46 31.25
CA LEU A 155 6.51 18.87 30.06
C LEU A 155 7.09 19.93 29.11
N LYS A 156 6.32 20.99 28.82
CA LYS A 156 6.84 22.14 28.06
C LYS A 156 8.14 22.66 28.68
N GLN A 157 8.16 22.77 30.02
CA GLN A 157 9.35 23.25 30.75
C GLN A 157 10.59 22.38 30.52
N SER A 158 10.43 21.06 30.61
CA SER A 158 11.53 20.11 30.42
C SER A 158 11.80 19.74 28.96
N ASN A 159 10.96 20.23 28.04
CA ASN A 159 10.96 19.78 26.65
C ASN A 159 10.98 18.25 26.63
N GLY A 160 9.95 17.72 27.28
CA GLY A 160 9.85 16.30 27.58
C GLY A 160 9.01 15.53 26.58
N SER A 161 8.44 14.43 27.04
CA SER A 161 7.87 13.42 26.15
C SER A 161 6.63 12.77 26.70
N ILE A 162 5.62 12.63 25.86
CA ILE A 162 4.45 11.81 26.16
C ILE A 162 4.59 10.50 25.40
N VAL A 163 4.41 9.40 26.10
CA VAL A 163 4.45 8.07 25.54
C VAL A 163 3.07 7.46 25.77
N VAL A 164 2.36 7.15 24.69
CA VAL A 164 1.05 6.51 24.77
C VAL A 164 1.15 5.05 24.30
N VAL A 165 0.84 4.12 25.19
CA VAL A 165 0.84 2.70 24.83
C VAL A 165 -0.46 2.36 24.13
N SER A 166 -0.36 1.89 22.88
CA SER A 166 -1.53 1.49 22.09
C SER A 166 -1.34 0.05 21.63
N SER A 167 -1.97 -0.33 20.53
CA SER A 167 -2.09 -1.74 20.15
C SER A 167 -2.33 -1.92 18.67
N LEU A 168 -2.06 -3.14 18.20
CA LEU A 168 -2.45 -3.56 16.86
C LEU A 168 -3.92 -3.25 16.68
N ALA A 169 -4.70 -3.61 17.70
CA ALA A 169 -6.14 -3.36 17.73
C ALA A 169 -6.53 -1.87 17.72
N GLY A 170 -5.54 -0.98 17.85
CA GLY A 170 -5.71 0.45 17.65
C GLY A 170 -5.33 1.00 16.28
N LYS A 171 -4.83 0.12 15.41
CA LYS A 171 -4.55 0.43 14.00
C LYS A 171 -5.36 -0.43 13.04
N VAL A 172 -5.69 -1.66 13.45
CA VAL A 172 -6.52 -2.55 12.64
C VAL A 172 -7.62 -3.17 13.50
N ALA A 173 -8.67 -3.62 12.84
CA ALA A 173 -9.86 -4.13 13.50
C ALA A 173 -9.69 -5.58 13.85
N TYR A 174 -10.04 -5.94 15.08
CA TYR A 174 -10.19 -7.35 15.49
C TYR A 174 -11.51 -7.51 16.18
N PRO A 175 -12.18 -8.65 15.99
CA PRO A 175 -13.40 -8.98 16.73
C PRO A 175 -13.10 -9.34 18.17
N MET A 176 -14.17 -9.41 18.97
CA MET A 176 -14.11 -9.74 20.41
C MET A 176 -13.69 -8.56 21.29
N VAL A 177 -13.30 -7.42 20.69
CA VAL A 177 -12.66 -6.32 21.42
C VAL A 177 -13.13 -4.94 20.94
N ALA A 178 -14.40 -4.83 20.58
CA ALA A 178 -14.89 -3.60 19.95
C ALA A 178 -14.62 -2.37 20.79
N ALA A 179 -15.14 -2.37 22.02
CA ALA A 179 -14.98 -1.24 22.95
C ALA A 179 -13.52 -0.88 23.16
N TYR A 180 -12.70 -1.91 23.35
CA TYR A 180 -11.28 -1.70 23.56
C TYR A 180 -10.63 -1.01 22.35
N SER A 181 -10.86 -1.57 21.16
CA SER A 181 -10.24 -1.06 19.93
C SER A 181 -10.62 0.39 19.71
N ALA A 182 -11.92 0.67 19.88
CA ALA A 182 -12.45 2.04 19.81
C ALA A 182 -11.62 3.02 20.65
N SER A 183 -11.34 2.65 21.89
CA SER A 183 -10.54 3.49 22.78
C SER A 183 -9.12 3.67 22.29
N LYS A 184 -8.55 2.61 21.72
CA LYS A 184 -7.19 2.68 21.19
C LYS A 184 -7.11 3.49 19.90
N PHE A 185 -8.09 3.30 19.02
CA PHE A 185 -8.21 4.12 17.82
C PHE A 185 -8.28 5.61 18.19
N ALA A 186 -9.11 5.90 19.18
CA ALA A 186 -9.30 7.27 19.69
C ALA A 186 -7.99 7.93 20.09
N LEU A 187 -7.16 7.21 20.85
CA LEU A 187 -5.82 7.68 21.18
C LEU A 187 -5.04 8.13 19.97
N ASP A 188 -5.00 7.28 18.94
CA ASP A 188 -4.27 7.57 17.70
C ASP A 188 -4.77 8.85 17.11
N GLY A 189 -6.08 8.89 16.82
CA GLY A 189 -6.69 10.08 16.26
C GLY A 189 -6.30 11.29 17.07
N PHE A 190 -6.57 11.23 18.36
CA PHE A 190 -6.36 12.39 19.23
C PHE A 190 -4.91 12.84 19.29
N PHE A 191 -4.02 11.92 19.66
CA PHE A 191 -2.64 12.27 19.92
C PHE A 191 -1.84 12.58 18.66
N SER A 192 -2.25 12.01 17.53
CA SER A 192 -1.64 12.34 16.25
C SER A 192 -2.02 13.75 15.80
N SER A 193 -3.24 14.16 16.13
CA SER A 193 -3.71 15.52 15.78
C SER A 193 -2.95 16.58 16.57
N ILE A 194 -2.92 16.40 17.88
CA ILE A 194 -2.17 17.31 18.74
C ILE A 194 -0.67 17.25 18.48
N ARG A 195 -0.15 16.12 18.02
CA ARG A 195 1.26 16.09 17.63
C ARG A 195 1.52 17.04 16.46
N LYS A 196 0.64 17.04 15.46
CA LYS A 196 0.74 18.01 14.38
C LYS A 196 0.42 19.43 14.87
N GLU A 197 -0.46 19.56 15.86
CA GLU A 197 -0.67 20.85 16.56
C GLU A 197 0.62 21.38 17.20
N TYR A 198 1.28 20.60 18.06
CA TYR A 198 2.52 21.01 18.73
C TYR A 198 3.63 21.29 17.73
N SER A 199 3.61 20.55 16.63
CA SER A 199 4.54 20.74 15.52
C SER A 199 4.56 22.18 14.96
N VAL A 200 3.39 22.79 14.81
CA VAL A 200 3.27 24.16 14.25
C VAL A 200 3.27 25.25 15.33
N SER A 201 2.97 24.89 16.57
CA SER A 201 3.17 25.79 17.72
C SER A 201 4.61 25.75 18.23
N ARG A 202 5.43 24.87 17.63
CA ARG A 202 6.84 24.70 18.00
C ARG A 202 7.02 24.15 19.45
N VAL A 203 5.91 23.65 20.04
CA VAL A 203 5.90 23.10 21.41
C VAL A 203 6.77 21.86 21.38
N ASN A 204 7.79 21.85 22.22
CA ASN A 204 8.85 20.87 22.13
C ASN A 204 8.59 19.64 23.02
N VAL A 205 7.38 19.11 22.95
CA VAL A 205 7.01 17.88 23.65
C VAL A 205 6.78 16.81 22.60
N SER A 206 7.55 15.72 22.68
CA SER A 206 7.41 14.63 21.74
C SER A 206 6.24 13.79 22.18
N ILE A 207 5.61 13.14 21.21
CA ILE A 207 4.51 12.22 21.44
C ILE A 207 4.84 10.93 20.69
N THR A 208 4.91 9.83 21.43
CA THR A 208 5.28 8.54 20.90
C THR A 208 4.13 7.57 21.08
N LEU A 209 3.62 7.06 19.97
CA LEU A 209 2.51 6.13 19.95
C LEU A 209 3.07 4.71 19.76
N CYS A 210 2.73 3.80 20.65
CA CYS A 210 3.34 2.50 20.66
C CYS A 210 2.32 1.47 20.28
N VAL A 211 2.50 0.88 19.10
CA VAL A 211 1.63 -0.17 18.60
C VAL A 211 2.28 -1.50 18.93
N LEU A 212 1.65 -2.25 19.83
CA LEU A 212 2.19 -3.50 20.30
C LEU A 212 1.30 -4.63 19.85
N GLY A 213 1.92 -5.72 19.39
CA GLY A 213 1.22 -6.96 19.12
C GLY A 213 0.98 -7.66 20.44
N LEU A 214 0.73 -8.97 20.40
CA LEU A 214 0.55 -9.73 21.64
C LEU A 214 1.83 -9.76 22.48
N ILE A 215 1.68 -9.47 23.78
CA ILE A 215 2.76 -9.48 24.77
C ILE A 215 2.41 -10.44 25.91
N ASP A 216 3.44 -11.10 26.46
CA ASP A 216 3.26 -12.22 27.39
C ASP A 216 3.01 -11.82 28.86
N THR A 217 2.13 -10.84 29.06
CA THR A 217 1.73 -10.43 30.40
C THR A 217 0.72 -11.42 30.94
N GLU A 218 0.64 -11.49 32.27
CA GLU A 218 -0.24 -12.44 32.92
C GLU A 218 -1.68 -12.15 32.51
N THR A 219 -2.07 -10.88 32.59
CA THR A 219 -3.40 -10.45 32.17
C THR A 219 -3.65 -10.90 30.74
N ALA A 220 -2.71 -10.61 29.85
CA ALA A 220 -2.83 -10.98 28.43
C ALA A 220 -3.06 -12.47 28.22
N MET A 221 -2.24 -13.28 28.88
CA MET A 221 -2.28 -14.72 28.70
C MET A 221 -3.63 -15.29 29.11
N LYS A 222 -4.05 -15.03 30.35
CA LYS A 222 -5.38 -15.48 30.83
C LYS A 222 -6.49 -15.10 29.83
N ALA A 223 -6.31 -13.95 29.17
CA ALA A 223 -7.24 -13.42 28.19
C ALA A 223 -7.09 -14.14 26.83
N HIS A 229 -4.48 -18.43 19.55
CA HIS A 229 -3.38 -19.39 19.45
C HIS A 229 -2.22 -18.79 18.65
N MET A 230 -1.80 -17.59 19.06
CA MET A 230 -0.71 -16.87 18.40
C MET A 230 0.52 -16.78 19.31
N GLN A 231 1.65 -16.36 18.73
CA GLN A 231 2.91 -16.21 19.46
C GLN A 231 2.99 -14.86 20.17
N ALA A 232 3.53 -14.88 21.38
CA ALA A 232 3.54 -13.71 22.26
C ALA A 232 4.97 -13.27 22.52
N ALA A 233 5.22 -11.97 22.35
CA ALA A 233 6.55 -11.39 22.58
C ALA A 233 6.83 -11.28 24.08
N PRO A 234 8.10 -11.12 24.48
CA PRO A 234 8.47 -11.03 25.90
C PRO A 234 8.20 -9.66 26.50
N LYS A 235 7.48 -9.65 27.63
CA LYS A 235 7.09 -8.41 28.33
C LYS A 235 8.28 -7.53 28.70
N GLU A 236 9.37 -8.15 29.16
CA GLU A 236 10.56 -7.43 29.60
C GLU A 236 11.26 -6.63 28.47
N GLU A 237 11.35 -7.21 27.27
CA GLU A 237 11.97 -6.54 26.12
C GLU A 237 11.06 -5.44 25.55
N CYS A 238 9.76 -5.70 25.60
CA CYS A 238 8.75 -4.74 25.12
C CYS A 238 8.85 -3.44 25.88
N ALA A 239 8.86 -3.54 27.21
CA ALA A 239 8.99 -2.38 28.09
C ALA A 239 10.20 -1.55 27.72
N LEU A 240 11.32 -2.22 27.50
CA LEU A 240 12.53 -1.55 27.06
C LEU A 240 12.27 -0.83 25.74
N GLU A 241 11.68 -1.53 24.78
CA GLU A 241 11.43 -0.95 23.46
C GLU A 241 10.57 0.31 23.55
N ILE A 242 9.56 0.27 24.43
CA ILE A 242 8.70 1.45 24.69
C ILE A 242 9.55 2.61 25.21
N ILE A 243 10.39 2.33 26.20
CA ILE A 243 11.23 3.34 26.83
C ILE A 243 12.22 3.94 25.83
N LYS A 244 12.85 3.06 25.04
CA LYS A 244 13.81 3.49 24.02
C LYS A 244 13.17 4.49 23.07
N GLY A 245 12.03 4.09 22.48
CA GLY A 245 11.34 4.92 21.50
C GLY A 245 10.97 6.31 21.99
N GLY A 246 10.50 6.38 23.22
CA GLY A 246 10.14 7.64 23.86
C GLY A 246 11.34 8.53 24.14
N ALA A 247 12.43 7.92 24.62
CA ALA A 247 13.69 8.65 24.81
C ALA A 247 14.19 9.22 23.47
N LEU A 248 14.12 8.41 22.41
CA LEU A 248 14.50 8.85 21.05
C LEU A 248 13.45 9.72 20.32
N ARG A 249 12.36 10.09 21.00
CA ARG A 249 11.32 10.99 20.45
C ARG A 249 10.73 10.49 19.11
N GLN A 250 10.54 9.17 19.02
CA GLN A 250 9.95 8.56 17.85
C GLN A 250 8.46 8.86 17.84
N GLU A 251 7.90 9.11 16.66
CA GLU A 251 6.47 9.33 16.53
C GLU A 251 5.70 8.04 16.80
N GLU A 252 6.19 6.94 16.24
CA GLU A 252 5.58 5.64 16.47
C GLU A 252 6.62 4.56 16.78
N VAL A 253 6.20 3.56 17.54
CA VAL A 253 7.02 2.42 17.88
C VAL A 253 6.18 1.19 17.62
N TYR A 254 6.75 0.24 16.90
CA TYR A 254 6.08 -1.03 16.64
C TYR A 254 6.87 -2.12 17.31
N TYR A 255 6.17 -3.15 17.77
CA TYR A 255 6.80 -4.27 18.45
C TYR A 255 5.85 -5.45 18.45
N ASP A 256 6.26 -6.55 17.81
CA ASP A 256 5.50 -7.80 17.79
C ASP A 256 6.48 -8.99 17.76
N SER A 257 6.02 -10.15 18.23
CA SER A 257 6.81 -11.40 18.18
C SER A 257 6.95 -11.94 16.74
N SER A 258 6.78 -11.06 15.75
CA SER A 258 6.87 -11.40 14.35
C SER A 258 7.42 -10.20 13.61
N LEU A 259 8.59 -10.38 12.99
CA LEU A 259 9.13 -9.38 12.05
C LEU A 259 8.17 -9.13 10.86
N TRP A 260 7.32 -10.11 10.56
CA TRP A 260 6.38 -10.03 9.44
C TRP A 260 5.36 -8.90 9.62
N THR A 261 4.55 -8.99 10.69
CA THR A 261 3.53 -7.99 11.06
C THR A 261 4.06 -6.56 11.04
N THR A 262 5.10 -6.33 11.83
CA THR A 262 5.70 -5.01 12.04
C THR A 262 5.93 -4.24 10.73
N LEU A 263 6.39 -4.97 9.71
CA LEU A 263 6.63 -4.40 8.38
C LEU A 263 5.33 -3.93 7.72
N LEU A 264 4.26 -4.71 7.90
CA LEU A 264 2.95 -4.42 7.33
C LEU A 264 2.26 -3.23 8.03
N ILE A 265 2.30 -3.20 9.38
CA ILE A 265 1.58 -2.22 10.22
C ILE A 265 1.73 -0.76 9.82
N ARG A 266 2.82 -0.42 9.12
CA ARG A 266 3.03 0.95 8.62
C ARG A 266 2.04 1.36 7.50
N ASN A 267 1.73 2.66 7.40
CA ASN A 267 0.73 3.19 6.45
C ASN A 267 1.25 4.42 5.67
N PRO A 268 1.85 4.19 4.49
CA PRO A 268 2.40 5.27 3.64
C PRO A 268 1.35 6.12 2.93
N SER A 269 0.19 5.54 2.62
CA SER A 269 -0.91 6.32 2.08
C SER A 269 -1.27 7.46 3.04
N ARG A 270 -1.30 7.12 4.33
CA ARG A 270 -1.66 8.06 5.39
C ARG A 270 -0.66 9.21 5.43
N LYS A 271 0.64 8.88 5.48
CA LYS A 271 1.70 9.90 5.53
C LYS A 271 1.61 10.88 4.35
N ILE A 272 1.27 10.36 3.17
CA ILE A 272 1.17 11.19 1.97
C ILE A 272 0.07 12.24 2.12
N LEU A 273 -1.20 11.81 2.23
CA LEU A 273 -2.35 12.76 2.37
C LEU A 273 -2.27 13.63 3.63
N GLU A 274 -1.71 13.09 4.71
CA GLU A 274 -1.45 13.88 5.93
C GLU A 274 -0.52 15.04 5.59
N PHE A 275 0.59 14.75 4.91
CA PHE A 275 1.52 15.80 4.43
C PHE A 275 0.98 16.58 3.23
N LEU A 276 0.16 15.93 2.41
CA LEU A 276 -0.42 16.59 1.24
C LEU A 276 -1.33 17.70 1.71
N TYR A 277 -2.37 17.36 2.48
CA TYR A 277 -3.33 18.33 3.01
C TYR A 277 -2.72 19.19 4.15
N SER A 278 -1.53 19.74 3.92
CA SER A 278 -0.80 20.51 4.91
C SER A 278 -0.63 21.91 4.35
N GLU B 23 -25.44 -3.35 -9.48
CA GLU B 23 -25.70 -1.88 -9.66
C GLU B 23 -26.86 -1.41 -8.81
N PHE B 24 -26.77 -0.16 -8.37
CA PHE B 24 -27.76 0.41 -7.48
C PHE B 24 -28.93 0.93 -8.30
N ARG B 25 -30.14 0.62 -7.85
CA ARG B 25 -31.37 1.03 -8.49
C ARG B 25 -32.24 1.76 -7.46
N PRO B 26 -32.61 3.04 -7.71
CA PRO B 26 -33.45 3.85 -6.78
C PRO B 26 -34.67 3.11 -6.22
N GLU B 27 -35.17 2.16 -7.00
CA GLU B 27 -36.21 1.24 -6.55
C GLU B 27 -35.83 0.34 -5.35
N MET B 28 -34.53 0.11 -5.12
CA MET B 28 -34.06 -0.70 -3.97
C MET B 28 -34.57 -0.14 -2.60
N LEU B 29 -34.64 1.18 -2.48
CA LEU B 29 -35.09 1.86 -1.24
C LEU B 29 -36.62 1.99 -1.08
N GLN B 30 -37.37 1.82 -2.16
CA GLN B 30 -38.83 2.03 -2.13
C GLN B 30 -39.56 1.20 -1.07
N GLY B 31 -40.28 1.88 -0.19
CA GLY B 31 -41.02 1.24 0.88
C GLY B 31 -40.15 0.67 2.00
N LYS B 32 -38.85 0.96 1.95
CA LYS B 32 -37.92 0.56 3.00
C LYS B 32 -38.00 1.59 4.13
N LYS B 33 -38.00 1.08 5.37
CA LYS B 33 -38.17 1.88 6.58
C LYS B 33 -36.79 2.33 7.11
N VAL B 34 -36.53 3.63 7.10
CA VAL B 34 -35.18 4.19 7.33
C VAL B 34 -35.17 5.29 8.38
N ILE B 35 -34.13 5.27 9.22
CA ILE B 35 -33.84 6.37 10.15
C ILE B 35 -32.66 7.16 9.64
N VAL B 36 -32.74 8.48 9.80
CA VAL B 36 -31.64 9.41 9.50
C VAL B 36 -31.51 10.41 10.65
N THR B 37 -30.37 10.30 11.34
CA THR B 37 -30.05 11.24 12.39
C THR B 37 -29.34 12.43 11.76
N GLY B 38 -29.32 13.55 12.48
CA GLY B 38 -28.68 14.77 12.00
C GLY B 38 -29.34 15.28 10.73
N ALA B 39 -30.66 15.09 10.66
CA ALA B 39 -31.39 15.24 9.41
C ALA B 39 -32.05 16.62 9.21
N SER B 40 -31.66 17.61 10.03
CA SER B 40 -32.21 18.96 9.94
C SER B 40 -31.38 19.86 9.02
N LYS B 41 -30.12 19.54 8.82
CA LYS B 41 -29.25 20.33 7.94
C LYS B 41 -28.39 19.42 7.11
N GLY B 42 -27.62 20.04 6.22
CA GLY B 42 -26.53 19.40 5.50
C GLY B 42 -26.86 18.04 4.92
N ILE B 43 -25.95 17.09 5.16
CA ILE B 43 -25.97 15.80 4.49
C ILE B 43 -27.16 14.98 4.94
N GLY B 44 -27.52 15.10 6.21
CA GLY B 44 -28.65 14.35 6.74
C GLY B 44 -29.94 14.74 6.06
N ARG B 45 -30.10 16.05 5.86
CA ARG B 45 -31.28 16.59 5.18
C ARG B 45 -31.37 16.09 3.74
N GLU B 46 -30.28 16.24 3.00
CA GLU B 46 -30.22 15.74 1.64
C GLU B 46 -30.55 14.25 1.53
N MET B 47 -30.06 13.46 2.47
CA MET B 47 -30.33 12.04 2.49
C MET B 47 -31.82 11.78 2.64
N ALA B 48 -32.47 12.54 3.52
CA ALA B 48 -33.91 12.33 3.77
C ALA B 48 -34.69 12.58 2.50
N TYR B 49 -34.34 13.67 1.82
CA TYR B 49 -34.92 14.07 0.55
C TYR B 49 -34.81 12.99 -0.50
N HIS B 50 -33.58 12.51 -0.73
CA HIS B 50 -33.34 11.41 -1.65
C HIS B 50 -34.19 10.20 -1.30
N LEU B 51 -34.25 9.87 -0.02
CA LEU B 51 -35.04 8.74 0.46
C LEU B 51 -36.53 8.93 0.23
N ALA B 52 -36.99 10.17 0.38
CA ALA B 52 -38.37 10.51 0.11
C ALA B 52 -38.70 10.32 -1.37
N LYS B 53 -37.89 10.91 -2.25
CA LYS B 53 -38.05 10.75 -3.71
C LYS B 53 -38.21 9.28 -4.13
N MET B 54 -37.45 8.41 -3.47
CA MET B 54 -37.48 6.97 -3.72
C MET B 54 -38.65 6.23 -3.05
N GLY B 55 -39.49 6.94 -2.30
CA GLY B 55 -40.69 6.35 -1.70
C GLY B 55 -40.43 5.56 -0.43
N ALA B 56 -39.45 5.99 0.35
CA ALA B 56 -39.06 5.27 1.56
C ALA B 56 -39.87 5.77 2.76
N HIS B 57 -40.05 4.89 3.74
CA HIS B 57 -40.58 5.31 5.04
C HIS B 57 -39.39 5.94 5.79
N VAL B 58 -39.53 7.19 6.21
CA VAL B 58 -38.42 7.94 6.76
C VAL B 58 -38.77 8.52 8.12
N VAL B 59 -37.84 8.46 9.06
CA VAL B 59 -37.98 9.20 10.32
C VAL B 59 -36.68 9.91 10.54
N VAL B 60 -36.77 11.21 10.74
CA VAL B 60 -35.60 12.05 10.85
C VAL B 60 -35.50 12.52 12.29
N THR B 61 -34.32 13.02 12.66
CA THR B 61 -34.12 13.60 13.97
C THR B 61 -32.98 14.60 14.00
N ALA B 62 -33.03 15.43 15.04
CA ALA B 62 -32.07 16.48 15.38
C ALA B 62 -32.72 17.18 16.59
N ARG B 63 -32.12 18.24 17.09
CA ARG B 63 -32.73 18.97 18.21
C ARG B 63 -33.81 19.99 17.80
N SER B 64 -33.59 20.69 16.70
CA SER B 64 -34.50 21.76 16.29
C SER B 64 -35.77 21.19 15.65
N LYS B 65 -36.89 21.22 16.38
CA LYS B 65 -38.19 20.76 15.83
C LYS B 65 -38.77 21.65 14.73
N GLU B 66 -38.45 22.94 14.73
CA GLU B 66 -38.93 23.86 13.69
C GLU B 66 -38.36 23.44 12.35
N THR B 67 -37.04 23.41 12.26
CA THR B 67 -36.34 23.01 11.04
C THR B 67 -36.63 21.55 10.64
N LEU B 68 -36.84 20.67 11.61
CA LEU B 68 -37.24 19.30 11.32
C LEU B 68 -38.61 19.22 10.65
N GLN B 69 -39.55 20.04 11.11
CA GLN B 69 -40.90 20.07 10.55
C GLN B 69 -40.83 20.43 9.06
N LYS B 70 -39.97 21.41 8.73
CA LYS B 70 -39.74 21.83 7.34
C LYS B 70 -39.33 20.64 6.48
N VAL B 71 -38.39 19.85 7.00
CA VAL B 71 -37.85 18.69 6.30
C VAL B 71 -38.96 17.64 6.09
N VAL B 72 -39.75 17.37 7.14
CA VAL B 72 -40.82 16.36 7.02
C VAL B 72 -41.88 16.77 5.98
N SER B 73 -42.19 18.06 5.93
CA SER B 73 -43.12 18.56 4.92
C SER B 73 -42.60 18.30 3.51
N HIS B 74 -41.33 18.65 3.26
CA HIS B 74 -40.71 18.48 1.94
C HIS B 74 -40.65 17.01 1.51
N CYS B 75 -40.28 16.12 2.43
CA CYS B 75 -40.24 14.68 2.17
C CYS B 75 -41.58 14.11 1.75
N LEU B 76 -42.65 14.59 2.37
CA LEU B 76 -44.00 14.19 1.98
C LEU B 76 -44.37 14.69 0.59
N GLU B 77 -44.06 15.96 0.31
CA GLU B 77 -44.24 16.52 -1.03
C GLU B 77 -43.50 15.74 -2.12
N LEU B 78 -42.25 15.35 -1.80
CA LEU B 78 -41.36 14.63 -2.74
C LEU B 78 -41.72 13.17 -2.94
N GLY B 79 -42.61 12.63 -2.11
CA GLY B 79 -43.13 11.29 -2.29
C GLY B 79 -42.68 10.26 -1.28
N ALA B 80 -42.33 10.68 -0.07
CA ALA B 80 -42.09 9.72 1.01
C ALA B 80 -43.33 8.87 1.21
N ALA B 81 -43.14 7.56 1.35
CA ALA B 81 -44.23 6.67 1.78
C ALA B 81 -44.82 7.14 3.10
N SER B 82 -43.93 7.56 3.99
CA SER B 82 -44.28 8.27 5.22
C SER B 82 -43.07 9.09 5.65
N ALA B 83 -43.28 10.05 6.53
CA ALA B 83 -42.20 10.86 7.07
C ALA B 83 -42.60 11.44 8.41
N HIS B 84 -41.85 11.09 9.45
CA HIS B 84 -42.05 11.65 10.79
C HIS B 84 -40.75 12.28 11.25
N TYR B 85 -40.82 12.98 12.37
CA TYR B 85 -39.64 13.43 13.08
C TYR B 85 -39.83 13.22 14.58
N ILE B 86 -38.71 13.12 15.28
CA ILE B 86 -38.68 13.12 16.74
C ILE B 86 -37.48 13.97 17.13
N ALA B 87 -37.72 15.06 17.82
CA ALA B 87 -36.66 16.00 18.18
C ALA B 87 -36.09 15.69 19.54
N GLY B 88 -34.78 15.79 19.66
CA GLY B 88 -34.08 15.64 20.93
C GLY B 88 -32.57 15.66 20.76
N THR B 89 -31.87 15.76 21.87
CA THR B 89 -30.41 15.76 21.88
C THR B 89 -29.87 14.34 22.04
N MET B 90 -28.77 14.07 21.35
CA MET B 90 -28.07 12.79 21.45
C MET B 90 -27.01 12.84 22.57
N GLU B 91 -26.86 14.00 23.23
CA GLU B 91 -26.23 14.06 24.55
C GLU B 91 -26.95 13.19 25.57
N ASP B 92 -28.26 12.99 25.38
CA ASP B 92 -29.06 12.15 26.24
C ASP B 92 -29.15 10.75 25.66
N MET B 93 -28.51 9.80 26.33
CA MET B 93 -28.57 8.39 25.94
C MET B 93 -29.98 7.81 26.14
N THR B 94 -30.74 8.37 27.07
CA THR B 94 -32.13 7.93 27.28
C THR B 94 -32.97 8.24 26.05
N PHE B 95 -32.75 9.44 25.51
CA PHE B 95 -33.42 9.89 24.30
C PHE B 95 -33.09 9.01 23.12
N ALA B 96 -31.80 8.77 22.94
CA ALA B 96 -31.32 7.92 21.85
C ALA B 96 -31.90 6.51 21.91
N GLU B 97 -31.90 5.92 23.10
CA GLU B 97 -32.44 4.57 23.31
C GLU B 97 -33.94 4.56 23.02
N GLN B 98 -34.62 5.63 23.41
CA GLN B 98 -36.07 5.78 23.19
C GLN B 98 -36.45 6.16 21.77
N PHE B 99 -35.66 7.05 21.17
CA PHE B 99 -35.88 7.51 19.80
C PHE B 99 -36.10 6.35 18.86
N VAL B 100 -35.20 5.37 18.95
CA VAL B 100 -35.24 4.22 18.06
C VAL B 100 -36.58 3.48 18.25
N ALA B 101 -36.96 3.26 19.51
CA ALA B 101 -38.21 2.56 19.86
C ALA B 101 -39.41 3.23 19.22
N GLN B 102 -39.50 4.54 19.40
CA GLN B 102 -40.61 5.32 18.87
C GLN B 102 -40.64 5.33 17.34
N ALA B 103 -39.46 5.48 16.74
CA ALA B 103 -39.32 5.42 15.29
C ALA B 103 -39.66 4.03 14.74
N GLY B 104 -39.17 3.00 15.41
CA GLY B 104 -39.51 1.63 15.06
C GLY B 104 -41.01 1.42 15.05
N LYS B 105 -41.65 1.96 16.10
CA LYS B 105 -43.11 1.93 16.21
C LYS B 105 -43.76 2.62 14.99
N LEU B 106 -43.44 3.91 14.78
CA LEU B 106 -43.99 4.71 13.67
C LEU B 106 -43.99 4.05 12.28
N MET B 107 -43.01 3.18 12.01
CA MET B 107 -42.84 2.59 10.69
C MET B 107 -43.19 1.11 10.63
N GLY B 108 -43.32 0.45 11.78
CA GLY B 108 -43.55 -0.99 11.84
C GLY B 108 -42.31 -1.75 11.41
N GLY B 109 -41.16 -1.36 11.94
CA GLY B 109 -39.90 -2.00 11.62
C GLY B 109 -38.80 -1.01 11.28
N LEU B 110 -37.66 -1.54 10.84
CA LEU B 110 -36.49 -0.75 10.45
C LEU B 110 -35.54 -1.55 9.54
N ASP B 111 -35.16 -0.94 8.42
CA ASP B 111 -34.27 -1.53 7.43
C ASP B 111 -32.86 -0.96 7.45
N MET B 112 -32.75 0.37 7.60
CA MET B 112 -31.47 1.04 7.51
C MET B 112 -31.41 2.09 8.61
N LEU B 113 -30.31 2.10 9.35
CA LEU B 113 -30.02 3.11 10.36
C LEU B 113 -28.87 3.96 9.86
N ILE B 114 -29.11 5.26 9.62
CA ILE B 114 -28.06 6.17 9.13
C ILE B 114 -27.60 7.13 10.23
N LEU B 115 -26.38 6.93 10.70
CA LEU B 115 -25.87 7.66 11.84
C LEU B 115 -25.00 8.79 11.35
N ASN B 116 -25.58 9.99 11.36
CA ASN B 116 -25.00 11.15 10.70
C ASN B 116 -24.67 12.33 11.64
N HIS B 117 -25.52 12.58 12.63
CA HIS B 117 -25.34 13.73 13.54
C HIS B 117 -23.97 13.82 14.21
N ILE B 118 -23.52 15.05 14.46
CA ILE B 118 -22.37 15.31 15.31
C ILE B 118 -22.60 16.56 16.11
N THR B 119 -21.83 16.66 17.19
CA THR B 119 -21.82 17.86 18.00
C THR B 119 -21.13 18.95 17.22
N ASN B 120 -21.51 20.16 17.57
CA ASN B 120 -20.99 21.37 16.95
C ASN B 120 -19.51 21.43 17.33
N THR B 121 -18.68 21.76 16.36
CA THR B 121 -17.25 21.86 16.62
C THR B 121 -16.62 22.89 15.71
N SER B 122 -15.70 23.66 16.27
CA SER B 122 -15.02 24.70 15.55
C SER B 122 -13.53 24.40 15.59
N LEU B 123 -12.89 24.45 14.43
CA LEU B 123 -11.43 24.29 14.34
C LEU B 123 -10.73 25.24 15.33
N ASN B 124 -10.10 24.65 16.34
CA ASN B 124 -9.33 25.40 17.33
C ASN B 124 -8.23 24.50 17.91
N LEU B 125 -7.07 25.09 18.20
CA LEU B 125 -5.98 24.38 18.86
C LEU B 125 -6.41 23.91 20.26
N PHE B 126 -6.11 22.66 20.60
CA PHE B 126 -6.51 22.04 21.88
C PHE B 126 -5.59 22.50 22.99
N HIS B 127 -6.20 23.06 24.04
CA HIS B 127 -5.46 23.51 25.22
C HIS B 127 -5.82 22.62 26.41
N ASP B 128 -7.03 22.82 26.94
CA ASP B 128 -7.49 22.13 28.14
C ASP B 128 -8.95 21.68 28.09
N ASP B 129 -9.60 21.78 26.93
CA ASP B 129 -11.05 21.65 26.86
C ASP B 129 -11.48 20.18 26.93
N ILE B 130 -11.49 19.62 28.13
CA ILE B 130 -11.89 18.23 28.35
C ILE B 130 -13.42 18.05 28.22
N HIS B 131 -14.18 19.10 28.53
CA HIS B 131 -15.64 19.05 28.39
C HIS B 131 -16.01 18.91 26.91
N HIS B 132 -15.29 19.62 26.04
CA HIS B 132 -15.47 19.44 24.60
C HIS B 132 -15.12 18.01 24.18
N VAL B 133 -13.97 17.53 24.64
CA VAL B 133 -13.52 16.17 24.34
C VAL B 133 -14.60 15.16 24.77
N ARG B 134 -15.10 15.29 25.99
CA ARG B 134 -16.11 14.34 26.50
C ARG B 134 -17.45 14.45 25.77
N LYS B 135 -17.83 15.67 25.40
CA LYS B 135 -19.06 15.89 24.62
C LYS B 135 -18.91 15.31 23.19
N SER B 136 -17.73 15.50 22.60
CA SER B 136 -17.41 14.86 21.31
C SER B 136 -17.49 13.34 21.32
N MET B 137 -16.93 12.67 22.32
CA MET B 137 -17.09 11.20 22.41
C MET B 137 -18.55 10.81 22.67
N GLU B 138 -19.25 11.63 23.45
CA GLU B 138 -20.63 11.34 23.80
C GLU B 138 -21.52 11.37 22.54
N VAL B 139 -21.53 12.52 21.88
CA VAL B 139 -22.45 12.74 20.76
C VAL B 139 -21.95 11.94 19.57
N ASN B 140 -20.69 12.13 19.21
CA ASN B 140 -20.18 11.63 17.93
C ASN B 140 -19.95 10.12 17.90
N PHE B 141 -19.53 9.55 19.03
CA PHE B 141 -19.27 8.12 19.11
C PHE B 141 -20.32 7.39 19.93
N LEU B 142 -20.37 7.72 21.21
CA LEU B 142 -21.16 6.94 22.16
C LEU B 142 -22.65 6.78 21.76
N SER B 143 -23.29 7.86 21.36
CA SER B 143 -24.70 7.80 20.97
C SER B 143 -24.91 6.83 19.80
N TYR B 144 -23.94 6.80 18.88
CA TYR B 144 -23.99 5.88 17.73
C TYR B 144 -24.08 4.45 18.24
N VAL B 145 -23.24 4.12 19.22
CA VAL B 145 -23.25 2.79 19.83
C VAL B 145 -24.62 2.50 20.45
N VAL B 146 -25.13 3.48 21.21
CA VAL B 146 -26.44 3.36 21.88
C VAL B 146 -27.55 3.14 20.87
N LEU B 147 -27.61 4.00 19.85
CA LEU B 147 -28.61 3.88 18.78
C LEU B 147 -28.54 2.54 18.06
N THR B 148 -27.32 2.03 17.86
CA THR B 148 -27.07 0.73 17.19
C THR B 148 -27.64 -0.44 18.00
N VAL B 149 -27.33 -0.43 19.29
CA VAL B 149 -27.82 -1.45 20.21
C VAL B 149 -29.35 -1.50 20.17
N ALA B 150 -29.95 -0.33 20.21
CA ALA B 150 -31.40 -0.15 20.15
C ALA B 150 -32.04 -0.68 18.86
N ALA B 151 -31.37 -0.43 17.74
CA ALA B 151 -31.90 -0.84 16.43
C ALA B 151 -31.64 -2.29 16.07
N LEU B 152 -30.59 -2.89 16.66
CA LEU B 152 -30.12 -4.16 16.16
C LEU B 152 -31.20 -5.24 16.13
N PRO B 153 -32.05 -5.29 17.17
CA PRO B 153 -33.17 -6.24 17.11
C PRO B 153 -34.02 -6.17 15.81
N MET B 154 -34.46 -4.97 15.44
CA MET B 154 -35.24 -4.75 14.20
C MET B 154 -34.45 -4.91 12.91
N LEU B 155 -33.17 -4.53 12.96
CA LEU B 155 -32.26 -4.73 11.83
C LEU B 155 -32.00 -6.22 11.56
N LYS B 156 -31.74 -7.00 12.62
CA LYS B 156 -31.57 -8.47 12.50
C LYS B 156 -32.69 -9.09 11.67
N GLN B 157 -33.93 -8.73 12.02
CA GLN B 157 -35.14 -9.23 11.36
C GLN B 157 -35.26 -8.87 9.88
N SER B 158 -34.95 -7.62 9.53
CA SER B 158 -35.00 -7.19 8.14
C SER B 158 -33.69 -7.45 7.40
N ASN B 159 -32.69 -8.04 8.06
CA ASN B 159 -31.35 -8.17 7.53
C ASN B 159 -30.86 -6.83 6.98
N GLY B 160 -31.03 -5.82 7.81
CA GLY B 160 -30.87 -4.44 7.42
C GLY B 160 -29.44 -3.97 7.41
N SER B 161 -29.30 -2.65 7.54
CA SER B 161 -28.01 -1.95 7.37
C SER B 161 -27.78 -0.86 8.38
N ILE B 162 -26.54 -0.71 8.80
CA ILE B 162 -26.13 0.41 9.61
C ILE B 162 -25.17 1.23 8.75
N VAL B 163 -25.46 2.52 8.61
CA VAL B 163 -24.61 3.42 7.87
C VAL B 163 -24.01 4.43 8.85
N VAL B 164 -22.70 4.49 8.89
CA VAL B 164 -21.98 5.33 9.84
C VAL B 164 -21.17 6.35 9.07
N VAL B 165 -21.53 7.60 9.20
CA VAL B 165 -20.85 8.65 8.48
C VAL B 165 -19.61 9.08 9.27
N SER B 166 -18.45 8.98 8.63
CA SER B 166 -17.17 9.42 9.20
C SER B 166 -16.49 10.45 8.27
N SER B 167 -15.16 10.52 8.31
CA SER B 167 -14.42 11.64 7.73
C SER B 167 -12.97 11.23 7.44
N LEU B 168 -12.31 11.95 6.53
CA LEU B 168 -10.85 11.86 6.39
C LEU B 168 -10.13 12.02 7.71
N ALA B 169 -10.60 12.95 8.53
CA ALA B 169 -10.10 13.14 9.88
C ALA B 169 -10.39 11.96 10.84
N GLY B 170 -11.17 10.97 10.39
CA GLY B 170 -11.29 9.68 11.05
C GLY B 170 -10.35 8.60 10.55
N LYS B 171 -9.50 8.94 9.58
CA LYS B 171 -8.50 8.01 9.03
C LYS B 171 -7.08 8.52 9.08
N VAL B 172 -6.93 9.84 9.04
CA VAL B 172 -5.63 10.48 9.11
C VAL B 172 -5.72 11.61 10.12
N ALA B 173 -4.59 11.96 10.71
CA ALA B 173 -4.53 13.07 11.65
C ALA B 173 -4.56 14.43 10.96
N TYR B 174 -5.33 15.36 11.49
CA TYR B 174 -5.23 16.78 11.11
C TYR B 174 -5.22 17.62 12.38
N PRO B 175 -4.47 18.74 12.39
CA PRO B 175 -4.49 19.64 13.53
C PRO B 175 -5.79 20.44 13.65
N MET B 176 -6.03 20.99 14.84
CA MET B 176 -7.19 21.85 15.17
C MET B 176 -8.51 21.15 15.40
N VAL B 177 -8.55 19.82 15.24
CA VAL B 177 -9.80 19.08 15.30
C VAL B 177 -9.60 17.74 16.03
N ALA B 178 -8.80 17.79 17.09
CA ALA B 178 -8.43 16.61 17.86
C ALA B 178 -9.62 15.86 18.46
N ALA B 179 -10.42 16.52 19.28
CA ALA B 179 -11.59 15.87 19.89
C ALA B 179 -12.43 15.23 18.81
N TYR B 180 -12.63 15.96 17.72
CA TYR B 180 -13.40 15.50 16.58
C TYR B 180 -12.79 14.24 15.97
N SER B 181 -11.50 14.35 15.65
CA SER B 181 -10.75 13.25 15.04
C SER B 181 -10.86 12.00 15.90
N ALA B 182 -10.66 12.15 17.21
CA ALA B 182 -10.67 11.01 18.13
C ALA B 182 -11.98 10.25 18.11
N SER B 183 -13.09 10.98 18.07
CA SER B 183 -14.40 10.36 18.04
C SER B 183 -14.65 9.65 16.73
N LYS B 184 -14.10 10.19 15.65
CA LYS B 184 -14.28 9.58 14.32
C LYS B 184 -13.44 8.33 14.18
N PHE B 185 -12.16 8.43 14.51
CA PHE B 185 -11.30 7.23 14.67
C PHE B 185 -12.01 6.16 15.46
N ALA B 186 -12.63 6.56 16.56
CA ALA B 186 -13.25 5.61 17.45
C ALA B 186 -14.38 4.85 16.78
N LEU B 187 -15.11 5.52 15.89
CA LEU B 187 -16.18 4.88 15.14
C LEU B 187 -15.62 3.72 14.30
N ASP B 188 -14.47 3.98 13.70
CA ASP B 188 -13.79 3.01 12.84
C ASP B 188 -13.44 1.78 13.63
N GLY B 189 -12.65 1.95 14.68
CA GLY B 189 -12.26 0.83 15.53
C GLY B 189 -13.44 0.01 16.03
N PHE B 190 -14.48 0.68 16.51
CA PHE B 190 -15.64 0.00 17.08
C PHE B 190 -16.52 -0.72 16.05
N PHE B 191 -16.94 0.02 15.02
CA PHE B 191 -17.84 -0.54 14.01
C PHE B 191 -17.13 -1.53 13.09
N SER B 192 -15.85 -1.29 12.80
CA SER B 192 -15.04 -2.29 12.12
C SER B 192 -14.93 -3.58 12.92
N SER B 193 -14.89 -3.46 14.25
CA SER B 193 -14.79 -4.65 15.07
C SER B 193 -16.08 -5.45 15.11
N ILE B 194 -17.22 -4.79 15.29
CA ILE B 194 -18.47 -5.55 15.33
C ILE B 194 -18.90 -6.01 13.95
N ARG B 195 -18.30 -5.45 12.90
CA ARG B 195 -18.54 -5.95 11.55
C ARG B 195 -17.97 -7.34 11.41
N LYS B 196 -16.75 -7.54 11.88
CA LYS B 196 -16.11 -8.87 11.87
C LYS B 196 -16.85 -9.80 12.83
N GLU B 197 -17.30 -9.29 13.98
CA GLU B 197 -18.13 -10.08 14.90
C GLU B 197 -19.34 -10.68 14.19
N TYR B 198 -20.11 -9.83 13.53
CA TYR B 198 -21.33 -10.26 12.84
C TYR B 198 -21.08 -11.26 11.71
N SER B 199 -19.91 -11.21 11.08
CA SER B 199 -19.52 -12.21 10.08
C SER B 199 -19.47 -13.60 10.74
N VAL B 200 -18.69 -13.68 11.82
CA VAL B 200 -18.49 -14.92 12.56
C VAL B 200 -19.78 -15.44 13.19
N SER B 201 -20.43 -14.62 14.03
CA SER B 201 -21.74 -14.97 14.60
C SER B 201 -22.85 -15.18 13.55
N ARG B 202 -22.61 -14.76 12.31
CA ARG B 202 -23.54 -14.97 11.17
C ARG B 202 -24.78 -14.07 11.29
N VAL B 203 -24.61 -12.92 11.96
CA VAL B 203 -25.62 -11.87 11.99
C VAL B 203 -25.61 -11.23 10.62
N ASN B 204 -26.77 -11.15 9.97
CA ASN B 204 -26.83 -10.63 8.61
C ASN B 204 -27.27 -9.17 8.58
N VAL B 205 -26.51 -8.32 9.28
CA VAL B 205 -26.69 -6.87 9.26
C VAL B 205 -25.42 -6.20 8.71
N SER B 206 -25.55 -5.45 7.62
CA SER B 206 -24.39 -4.79 7.03
C SER B 206 -24.04 -3.50 7.77
N ILE B 207 -22.76 -3.15 7.70
CA ILE B 207 -22.20 -1.98 8.39
C ILE B 207 -21.32 -1.21 7.40
N THR B 208 -21.80 -0.05 6.99
CA THR B 208 -21.13 0.76 5.98
C THR B 208 -20.52 2.02 6.62
N LEU B 209 -19.19 2.17 6.57
CA LEU B 209 -18.50 3.31 7.15
C LEU B 209 -18.14 4.28 6.04
N CYS B 210 -18.67 5.49 6.07
CA CYS B 210 -18.51 6.45 4.98
C CYS B 210 -17.43 7.46 5.32
N VAL B 211 -16.34 7.46 4.55
CA VAL B 211 -15.22 8.38 4.74
C VAL B 211 -15.28 9.52 3.70
N LEU B 212 -15.64 10.71 4.15
CA LEU B 212 -15.87 11.87 3.31
C LEU B 212 -14.81 12.95 3.48
N GLY B 213 -14.42 13.58 2.38
CA GLY B 213 -13.67 14.83 2.42
C GLY B 213 -14.59 15.99 2.71
N LEU B 214 -14.05 17.21 2.61
CA LEU B 214 -14.86 18.40 2.79
C LEU B 214 -16.08 18.41 1.86
N ILE B 215 -17.26 18.68 2.43
CA ILE B 215 -18.51 18.72 1.70
C ILE B 215 -19.10 20.11 1.90
N ASP B 216 -19.75 20.63 0.87
CA ASP B 216 -20.24 22.01 0.89
C ASP B 216 -21.53 22.19 1.71
N THR B 217 -21.53 21.72 2.96
CA THR B 217 -22.65 21.96 3.85
C THR B 217 -22.44 23.33 4.45
N GLU B 218 -23.55 23.98 4.79
CA GLU B 218 -23.52 25.30 5.42
C GLU B 218 -22.57 25.33 6.60
N THR B 219 -22.72 24.36 7.51
CA THR B 219 -21.86 24.24 8.70
C THR B 219 -20.37 24.16 8.37
N ALA B 220 -20.03 23.34 7.38
CA ALA B 220 -18.63 23.11 7.04
C ALA B 220 -17.97 24.37 6.53
N MET B 221 -18.66 25.04 5.61
CA MET B 221 -18.16 26.27 4.99
C MET B 221 -17.95 27.36 6.02
N LYS B 222 -18.97 27.62 6.83
CA LYS B 222 -18.86 28.59 7.93
C LYS B 222 -17.68 28.32 8.87
N ALA B 223 -17.32 27.05 9.07
CA ALA B 223 -16.26 26.66 9.98
C ALA B 223 -14.85 26.63 9.39
N VAL B 224 -14.75 26.39 8.08
CA VAL B 224 -13.46 26.31 7.39
C VAL B 224 -13.11 27.58 6.56
N SER B 225 -14.07 28.50 6.43
CA SER B 225 -14.12 29.52 5.34
C SER B 225 -12.90 30.40 5.13
N GLY B 226 -12.34 30.91 6.22
CA GLY B 226 -11.20 31.82 6.17
C GLY B 226 -9.90 31.22 6.70
N ILE B 227 -9.86 29.89 6.79
CA ILE B 227 -8.67 29.14 7.23
C ILE B 227 -8.23 27.99 6.31
N VAL B 228 -9.17 27.40 5.56
CA VAL B 228 -8.96 26.17 4.79
C VAL B 228 -9.20 26.43 3.30
N HIS B 229 -8.25 25.99 2.46
CA HIS B 229 -8.35 26.12 1.00
C HIS B 229 -8.50 24.73 0.38
N MET B 230 -9.66 24.50 -0.23
CA MET B 230 -9.97 23.22 -0.89
C MET B 230 -11.30 23.35 -1.62
N GLN B 231 -11.54 22.43 -2.55
CA GLN B 231 -12.83 22.36 -3.24
C GLN B 231 -13.69 21.44 -2.42
N ALA B 232 -14.94 21.85 -2.17
CA ALA B 232 -15.88 21.05 -1.43
C ALA B 232 -16.75 20.31 -2.41
N ALA B 233 -16.89 19.00 -2.22
CA ALA B 233 -17.79 18.20 -3.03
C ALA B 233 -19.24 18.59 -2.73
N PRO B 234 -20.15 18.35 -3.68
CA PRO B 234 -21.56 18.72 -3.47
C PRO B 234 -22.26 17.81 -2.45
N LYS B 235 -23.03 18.41 -1.57
CA LYS B 235 -23.78 17.68 -0.54
C LYS B 235 -24.86 16.72 -1.10
N GLU B 236 -25.48 17.11 -2.21
CA GLU B 236 -26.59 16.38 -2.81
C GLU B 236 -26.10 15.06 -3.40
N GLU B 237 -24.94 15.12 -4.06
CA GLU B 237 -24.28 13.93 -4.58
C GLU B 237 -23.75 13.10 -3.42
N CYS B 238 -23.07 13.77 -2.49
CA CYS B 238 -22.53 13.13 -1.29
C CYS B 238 -23.57 12.27 -0.59
N ALA B 239 -24.71 12.88 -0.29
CA ALA B 239 -25.82 12.17 0.35
C ALA B 239 -26.29 10.95 -0.42
N LEU B 240 -26.38 11.06 -1.75
CA LEU B 240 -26.82 9.94 -2.60
C LEU B 240 -25.78 8.81 -2.58
N GLU B 241 -24.51 9.15 -2.61
CA GLU B 241 -23.46 8.14 -2.49
C GLU B 241 -23.61 7.29 -1.22
N ILE B 242 -23.74 7.96 -0.07
CA ILE B 242 -23.89 7.28 1.23
C ILE B 242 -25.02 6.25 1.16
N ILE B 243 -26.18 6.71 0.72
CA ILE B 243 -27.36 5.85 0.61
C ILE B 243 -27.07 4.67 -0.30
N LYS B 244 -26.44 4.92 -1.45
CA LYS B 244 -26.12 3.86 -2.41
C LYS B 244 -25.18 2.86 -1.75
N GLY B 245 -24.08 3.36 -1.21
CA GLY B 245 -23.12 2.54 -0.47
C GLY B 245 -23.79 1.68 0.58
N GLY B 246 -24.71 2.29 1.32
CA GLY B 246 -25.47 1.60 2.35
C GLY B 246 -26.43 0.57 1.81
N ALA B 247 -27.06 0.87 0.69
CA ALA B 247 -27.97 -0.07 0.02
C ALA B 247 -27.21 -1.23 -0.60
N LEU B 248 -26.07 -0.95 -1.22
CA LEU B 248 -25.22 -2.01 -1.81
C LEU B 248 -24.39 -2.75 -0.74
N ARG B 249 -24.58 -2.41 0.53
CA ARG B 249 -23.99 -3.13 1.66
C ARG B 249 -22.45 -3.10 1.60
N GLN B 250 -21.91 -2.01 1.08
CA GLN B 250 -20.47 -1.86 1.03
C GLN B 250 -19.93 -1.63 2.44
N GLU B 251 -18.69 -2.05 2.67
CA GLU B 251 -18.04 -1.84 3.95
C GLU B 251 -17.61 -0.40 4.14
N GLU B 252 -17.00 0.18 3.10
CA GLU B 252 -16.58 1.58 3.11
C GLU B 252 -17.04 2.33 1.84
N VAL B 253 -17.37 3.60 2.02
CA VAL B 253 -17.70 4.48 0.92
C VAL B 253 -16.72 5.62 1.03
N TYR B 254 -16.16 6.04 -0.09
CA TYR B 254 -15.22 7.16 -0.11
C TYR B 254 -15.83 8.24 -0.99
N TYR B 255 -15.69 9.49 -0.58
CA TYR B 255 -16.25 10.60 -1.34
C TYR B 255 -15.53 11.91 -1.04
N ASP B 256 -14.75 12.36 -2.01
CA ASP B 256 -13.99 13.60 -1.93
C ASP B 256 -14.01 14.17 -3.34
N SER B 257 -13.91 15.50 -3.46
CA SER B 257 -13.91 16.16 -4.77
C SER B 257 -12.68 15.79 -5.61
N SER B 258 -11.58 15.44 -4.93
CA SER B 258 -10.35 14.97 -5.58
C SER B 258 -10.34 13.44 -5.72
N LEU B 259 -10.14 12.96 -6.95
CA LEU B 259 -9.98 11.50 -7.21
C LEU B 259 -8.63 10.95 -6.75
N TRP B 260 -7.60 11.80 -6.66
CA TRP B 260 -6.33 11.39 -6.04
C TRP B 260 -6.63 10.91 -4.62
N THR B 261 -7.27 11.79 -3.85
CA THR B 261 -7.67 11.52 -2.46
C THR B 261 -8.42 10.20 -2.31
N THR B 262 -9.51 10.04 -3.05
CA THR B 262 -10.39 8.86 -2.92
C THR B 262 -9.65 7.52 -3.16
N LEU B 263 -8.53 7.56 -3.89
CA LEU B 263 -7.75 6.37 -4.18
C LEU B 263 -6.78 6.02 -3.04
N LEU B 264 -6.00 7.00 -2.60
CA LEU B 264 -4.98 6.78 -1.55
C LEU B 264 -5.57 6.84 -0.15
N ILE B 265 -6.90 6.82 -0.05
CA ILE B 265 -7.57 6.68 1.22
C ILE B 265 -7.69 5.24 1.69
N ARG B 266 -7.93 4.32 0.77
CA ARG B 266 -8.10 2.93 1.15
C ARG B 266 -6.80 2.45 1.74
N ASN B 267 -6.88 1.47 2.64
CA ASN B 267 -5.69 0.88 3.26
C ASN B 267 -5.68 -0.63 3.04
N PRO B 268 -4.91 -1.08 2.02
CA PRO B 268 -4.70 -2.49 1.69
C PRO B 268 -3.87 -3.22 2.75
N SER B 269 -2.76 -2.62 3.18
CA SER B 269 -1.89 -3.19 4.21
C SER B 269 -2.68 -3.63 5.44
N ARG B 270 -3.69 -2.83 5.77
CA ARG B 270 -4.62 -3.13 6.85
C ARG B 270 -5.54 -4.30 6.53
N LYS B 271 -6.10 -4.34 5.32
CA LYS B 271 -6.94 -5.48 4.88
C LYS B 271 -6.17 -6.82 4.92
N ILE B 272 -4.85 -6.76 4.69
CA ILE B 272 -3.97 -7.92 4.76
C ILE B 272 -3.91 -8.40 6.20
N LEU B 273 -3.44 -7.51 7.08
CA LEU B 273 -3.28 -7.79 8.52
C LEU B 273 -4.54 -8.39 9.15
N GLU B 274 -5.67 -7.86 8.73
CA GLU B 274 -6.98 -8.33 9.18
C GLU B 274 -7.27 -9.72 8.61
N PHE B 275 -7.04 -9.90 7.31
CA PHE B 275 -7.22 -11.21 6.65
C PHE B 275 -6.22 -12.26 7.15
N LEU B 276 -5.03 -11.84 7.55
CA LEU B 276 -4.04 -12.72 8.20
C LEU B 276 -4.60 -13.29 9.52
N TYR B 277 -4.86 -12.40 10.47
CA TYR B 277 -5.32 -12.81 11.81
C TYR B 277 -6.74 -13.40 11.83
N SER B 278 -7.46 -13.35 10.70
CA SER B 278 -8.75 -14.07 10.55
C SER B 278 -8.62 -15.57 10.84
N THR B 279 -7.41 -16.11 10.68
CA THR B 279 -7.07 -17.47 11.06
C THR B 279 -6.90 -17.56 12.57
N GLU C 23 25.66 10.77 5.22
CA GLU C 23 25.20 11.89 4.34
C GLU C 23 26.21 12.12 3.21
N PHE C 24 25.76 12.77 2.14
CA PHE C 24 26.56 12.97 0.94
C PHE C 24 27.47 14.19 1.01
N ARG C 25 28.72 13.98 0.63
CA ARG C 25 29.71 15.04 0.47
C ARG C 25 30.38 14.89 -0.90
N PRO C 26 30.33 15.95 -1.74
CA PRO C 26 30.96 15.94 -3.08
C PRO C 26 32.39 15.40 -3.12
N GLU C 27 33.12 15.55 -2.00
CA GLU C 27 34.48 14.99 -1.83
C GLU C 27 34.55 13.46 -1.90
N MET C 28 33.40 12.79 -1.76
CA MET C 28 33.32 11.33 -1.93
C MET C 28 33.68 10.87 -3.36
N LEU C 29 33.56 11.79 -4.34
CA LEU C 29 33.86 11.48 -5.75
C LEU C 29 35.27 11.88 -6.20
N GLN C 30 36.00 12.62 -5.38
CA GLN C 30 37.34 13.11 -5.78
C GLN C 30 38.34 11.99 -6.05
N GLY C 31 38.86 11.96 -7.27
CA GLY C 31 39.78 10.92 -7.72
C GLY C 31 39.17 9.54 -8.00
N LYS C 32 37.84 9.45 -7.93
CA LYS C 32 37.14 8.18 -8.21
C LYS C 32 37.07 8.00 -9.74
N LYS C 33 37.24 6.74 -10.17
CA LYS C 33 37.30 6.41 -11.59
C LYS C 33 35.89 5.98 -12.08
N VAL C 34 35.27 6.82 -12.92
CA VAL C 34 33.83 6.76 -13.19
C VAL C 34 33.50 6.73 -14.68
N ILE C 35 32.64 5.78 -15.08
CA ILE C 35 32.12 5.72 -16.45
C ILE C 35 30.71 6.30 -16.50
N VAL C 36 30.46 7.09 -17.54
CA VAL C 36 29.11 7.61 -17.79
C VAL C 36 28.76 7.34 -19.23
N THR C 37 27.76 6.49 -19.43
CA THR C 37 27.25 6.17 -20.76
C THR C 37 26.16 7.14 -21.18
N GLY C 38 25.97 7.33 -22.48
CA GLY C 38 24.99 8.31 -23.00
C GLY C 38 25.19 9.67 -22.40
N ALA C 39 26.44 10.12 -22.42
CA ALA C 39 26.85 11.36 -21.76
C ALA C 39 26.93 12.59 -22.68
N SER C 40 26.59 12.43 -23.96
CA SER C 40 26.63 13.55 -24.93
C SER C 40 25.51 14.59 -24.77
N LYS C 41 24.34 14.16 -24.27
CA LYS C 41 23.17 15.03 -24.14
C LYS C 41 22.53 14.78 -22.79
N GLY C 42 21.55 15.62 -22.44
CA GLY C 42 20.65 15.33 -21.32
C GLY C 42 21.26 15.06 -19.95
N ILE C 43 20.65 14.14 -19.21
CA ILE C 43 21.03 13.83 -17.81
C ILE C 43 22.46 13.29 -17.69
N GLY C 44 22.84 12.40 -18.60
CA GLY C 44 24.17 11.81 -18.60
C GLY C 44 25.27 12.84 -18.68
N ARG C 45 25.04 13.89 -19.49
CA ARG C 45 26.00 14.99 -19.61
C ARG C 45 26.13 15.74 -18.29
N GLU C 46 25.00 16.10 -17.72
CA GLU C 46 25.00 16.78 -16.44
C GLU C 46 25.77 15.98 -15.41
N MET C 47 25.54 14.67 -15.38
CA MET C 47 26.26 13.79 -14.46
C MET C 47 27.78 13.84 -14.64
N ALA C 48 28.23 13.96 -15.89
CA ALA C 48 29.66 14.03 -16.22
C ALA C 48 30.25 15.33 -15.70
N TYR C 49 29.55 16.43 -15.95
CA TYR C 49 29.93 17.74 -15.45
C TYR C 49 30.00 17.77 -13.92
N HIS C 50 28.95 17.30 -13.27
CA HIS C 50 28.96 17.17 -11.80
C HIS C 50 30.17 16.37 -11.32
N LEU C 51 30.35 15.19 -11.88
CA LEU C 51 31.50 14.35 -11.56
C LEU C 51 32.84 15.09 -11.73
N ALA C 52 32.95 15.86 -12.81
CA ALA C 52 34.11 16.72 -13.02
C ALA C 52 34.31 17.74 -11.90
N LYS C 53 33.29 18.52 -11.60
CA LYS C 53 33.35 19.51 -10.49
C LYS C 53 33.64 18.88 -9.11
N MET C 54 33.40 17.58 -8.97
CA MET C 54 33.85 16.83 -7.81
C MET C 54 35.26 16.26 -7.98
N GLY C 55 35.96 16.66 -9.04
CA GLY C 55 37.29 16.17 -9.35
C GLY C 55 37.42 14.67 -9.54
N ALA C 56 36.62 14.12 -10.44
CA ALA C 56 36.66 12.69 -10.71
C ALA C 56 37.33 12.41 -12.04
N HIS C 57 37.93 11.23 -12.16
CA HIS C 57 38.37 10.71 -13.45
C HIS C 57 37.10 10.19 -14.17
N VAL C 58 36.85 10.69 -15.38
CA VAL C 58 35.62 10.35 -16.11
C VAL C 58 35.92 9.89 -17.54
N VAL C 59 35.27 8.80 -17.95
CA VAL C 59 35.24 8.44 -19.37
C VAL C 59 33.79 8.50 -19.78
N VAL C 60 33.48 9.39 -20.69
CA VAL C 60 32.15 9.51 -21.23
C VAL C 60 32.01 8.73 -22.53
N THR C 61 30.79 8.31 -22.85
CA THR C 61 30.54 7.65 -24.13
C THR C 61 29.18 8.01 -24.67
N ALA C 62 29.06 7.84 -26.00
CA ALA C 62 27.86 8.13 -26.81
C ALA C 62 28.24 7.87 -28.29
N ARG C 63 27.32 8.12 -29.21
CA ARG C 63 27.62 8.03 -30.65
C ARG C 63 28.31 9.27 -31.21
N SER C 64 27.92 10.45 -30.73
CA SER C 64 28.43 11.72 -31.25
C SER C 64 29.90 12.00 -30.93
N LYS C 65 30.81 11.49 -31.78
CA LYS C 65 32.24 11.82 -31.72
C LYS C 65 32.45 13.32 -31.45
N GLU C 66 31.76 14.16 -32.20
CA GLU C 66 31.93 15.62 -32.10
C GLU C 66 31.47 16.20 -30.76
N THR C 67 30.26 15.88 -30.34
CA THR C 67 29.68 16.48 -29.13
C THR C 67 30.35 15.97 -27.85
N LEU C 68 30.77 14.70 -27.87
CA LEU C 68 31.52 14.13 -26.76
C LEU C 68 32.80 14.91 -26.43
N GLN C 69 33.64 15.15 -27.43
CA GLN C 69 34.85 15.97 -27.28
C GLN C 69 34.54 17.34 -26.66
N LYS C 70 33.40 17.94 -27.04
CA LYS C 70 32.96 19.22 -26.46
C LYS C 70 32.70 19.08 -24.97
N VAL C 71 32.12 17.94 -24.59
CA VAL C 71 31.81 17.63 -23.19
C VAL C 71 33.10 17.40 -22.37
N VAL C 72 34.07 16.68 -22.95
CA VAL C 72 35.36 16.41 -22.31
C VAL C 72 36.10 17.70 -21.97
N SER C 73 36.18 18.63 -22.93
CA SER C 73 36.80 19.94 -22.71
C SER C 73 36.16 20.72 -21.57
N HIS C 74 34.83 20.69 -21.48
CA HIS C 74 34.11 21.34 -20.40
C HIS C 74 34.34 20.67 -19.02
N CYS C 75 34.55 19.36 -19.05
CA CYS C 75 34.86 18.59 -17.84
C CYS C 75 36.23 18.94 -17.26
N LEU C 76 37.23 19.08 -18.14
CA LEU C 76 38.57 19.51 -17.73
C LEU C 76 38.54 20.92 -17.11
N GLU C 77 37.94 21.89 -17.81
CA GLU C 77 37.69 23.23 -17.25
C GLU C 77 37.00 23.24 -15.88
N LEU C 78 36.05 22.34 -15.66
CA LEU C 78 35.33 22.25 -14.38
C LEU C 78 36.16 21.52 -13.30
N GLY C 79 37.25 20.87 -13.69
CA GLY C 79 38.24 20.36 -12.74
C GLY C 79 38.34 18.85 -12.62
N ALA C 80 38.06 18.14 -13.71
CA ALA C 80 38.20 16.69 -13.70
C ALA C 80 39.67 16.32 -13.49
N ALA C 81 39.92 15.33 -12.66
CA ALA C 81 41.24 14.71 -12.57
C ALA C 81 41.71 14.29 -13.95
N SER C 82 40.82 13.71 -14.72
CA SER C 82 41.02 13.45 -16.16
C SER C 82 39.68 13.18 -16.82
N ALA C 83 39.67 13.13 -18.16
CA ALA C 83 38.44 13.10 -18.92
C ALA C 83 38.66 12.64 -20.34
N HIS C 84 38.11 11.49 -20.71
CA HIS C 84 38.22 10.96 -22.07
C HIS C 84 36.87 10.61 -22.66
N TYR C 85 36.86 10.39 -23.96
CA TYR C 85 35.67 9.96 -24.66
C TYR C 85 35.98 8.77 -25.51
N ILE C 86 34.97 7.93 -25.72
CA ILE C 86 35.03 6.89 -26.72
C ILE C 86 33.66 6.90 -27.39
N ALA C 87 33.66 7.11 -28.70
CA ALA C 87 32.43 7.22 -29.47
C ALA C 87 32.07 5.87 -30.02
N GLY C 88 30.79 5.53 -29.91
CA GLY C 88 30.29 4.27 -30.44
C GLY C 88 28.81 4.12 -30.15
N THR C 89 28.23 3.03 -30.65
CA THR C 89 26.81 2.77 -30.45
C THR C 89 26.64 1.50 -29.63
N MET C 90 25.71 1.56 -28.68
CA MET C 90 25.47 0.46 -27.78
C MET C 90 24.55 -0.61 -28.42
N GLU C 91 24.16 -0.41 -29.69
CA GLU C 91 23.61 -1.48 -30.52
C GLU C 91 24.65 -2.55 -30.81
N ASP C 92 25.93 -2.18 -30.76
CA ASP C 92 27.05 -3.09 -31.00
C ASP C 92 27.55 -3.63 -29.67
N MET C 93 27.23 -4.88 -29.40
CA MET C 93 27.65 -5.49 -28.14
C MET C 93 29.17 -5.62 -28.05
N THR C 94 29.83 -5.73 -29.21
CA THR C 94 31.29 -5.84 -29.23
C THR C 94 31.93 -4.56 -28.77
N PHE C 95 31.43 -3.44 -29.29
CA PHE C 95 31.89 -2.13 -28.86
C PHE C 95 31.81 -2.03 -27.32
N ALA C 96 30.68 -2.43 -26.75
CA ALA C 96 30.45 -2.32 -25.29
C ALA C 96 31.48 -3.06 -24.46
N GLU C 97 31.83 -4.30 -24.85
CA GLU C 97 32.91 -5.04 -24.18
C GLU C 97 34.23 -4.28 -24.22
N GLN C 98 34.62 -3.89 -25.44
CA GLN C 98 35.86 -3.16 -25.67
C GLN C 98 35.89 -1.85 -24.91
N PHE C 99 34.80 -1.10 -24.94
CA PHE C 99 34.74 0.22 -24.31
C PHE C 99 35.15 0.18 -22.85
N VAL C 100 34.66 -0.82 -22.12
CA VAL C 100 34.96 -0.97 -20.70
C VAL C 100 36.44 -1.27 -20.50
N ALA C 101 37.02 -2.11 -21.36
CA ALA C 101 38.44 -2.44 -21.30
C ALA C 101 39.26 -1.16 -21.52
N GLN C 102 38.92 -0.43 -22.57
CA GLN C 102 39.66 0.77 -22.93
C GLN C 102 39.51 1.91 -21.91
N ALA C 103 38.32 2.03 -21.31
CA ALA C 103 38.05 3.03 -20.27
C ALA C 103 38.85 2.74 -19.00
N GLY C 104 38.97 1.45 -18.67
CA GLY C 104 39.75 1.00 -17.53
C GLY C 104 41.23 1.25 -17.73
N LYS C 105 41.68 1.16 -18.97
CA LYS C 105 43.05 1.54 -19.33
C LYS C 105 43.33 3.04 -19.15
N LEU C 106 42.42 3.88 -19.65
CA LEU C 106 42.55 5.35 -19.55
C LEU C 106 42.51 5.91 -18.11
N MET C 107 41.93 5.15 -17.19
CA MET C 107 41.76 5.62 -15.82
C MET C 107 42.58 4.85 -14.76
N GLY C 108 43.07 3.66 -15.10
CA GLY C 108 43.73 2.79 -14.12
C GLY C 108 42.78 2.22 -13.08
N GLY C 109 41.64 1.71 -13.56
CA GLY C 109 40.59 1.16 -12.72
C GLY C 109 39.22 1.76 -13.00
N LEU C 110 38.25 1.29 -12.23
CA LEU C 110 36.88 1.76 -12.30
C LEU C 110 36.25 1.58 -10.94
N ASP C 111 35.68 2.66 -10.41
CA ASP C 111 35.00 2.66 -9.12
C ASP C 111 33.49 2.65 -9.29
N MET C 112 32.98 3.36 -10.32
CA MET C 112 31.55 3.54 -10.56
C MET C 112 31.20 3.52 -12.06
N LEU C 113 30.30 2.63 -12.43
CA LEU C 113 29.77 2.52 -13.79
C LEU C 113 28.36 3.07 -13.81
N ILE C 114 28.13 4.18 -14.51
CA ILE C 114 26.78 4.73 -14.63
C ILE C 114 26.16 4.37 -15.97
N LEU C 115 25.08 3.59 -15.93
CA LEU C 115 24.41 3.09 -17.13
C LEU C 115 23.19 3.95 -17.31
N ASN C 116 23.28 4.82 -18.31
CA ASN C 116 22.30 5.87 -18.54
C ASN C 116 21.73 5.91 -19.98
N HIS C 117 22.51 5.50 -20.97
CA HIS C 117 22.09 5.59 -22.38
C HIS C 117 20.81 4.82 -22.72
N ILE C 118 20.04 5.38 -23.66
CA ILE C 118 18.89 4.72 -24.26
C ILE C 118 18.85 5.01 -25.73
N THR C 119 18.38 4.04 -26.50
CA THR C 119 17.97 4.30 -27.86
C THR C 119 16.73 5.18 -27.88
N ASN C 120 16.59 5.97 -28.93
CA ASN C 120 15.51 6.96 -29.00
C ASN C 120 14.15 6.28 -29.08
N THR C 121 13.19 6.78 -28.31
CA THR C 121 11.86 6.22 -28.24
C THR C 121 10.81 7.34 -28.29
N SER C 122 9.70 7.08 -28.98
CA SER C 122 8.60 8.04 -29.08
C SER C 122 7.36 7.48 -28.42
N LEU C 123 6.47 8.38 -28.03
CA LEU C 123 5.15 8.00 -27.48
C LEU C 123 4.26 7.58 -28.64
N ASN C 124 3.99 6.27 -28.71
CA ASN C 124 3.21 5.70 -29.81
C ASN C 124 2.52 4.43 -29.37
N LEU C 125 1.32 4.24 -29.90
CA LEU C 125 0.60 2.98 -29.73
C LEU C 125 1.33 1.91 -30.52
N PHE C 126 1.51 0.75 -29.91
CA PHE C 126 2.25 -0.33 -30.53
C PHE C 126 1.34 -1.02 -31.52
N HIS C 127 1.74 -1.05 -32.80
CA HIS C 127 0.98 -1.77 -33.82
C HIS C 127 1.60 -3.13 -34.11
N ASP C 128 2.72 -3.12 -34.84
CA ASP C 128 3.44 -4.33 -35.23
C ASP C 128 4.96 -4.15 -35.29
N ASP C 129 5.50 -3.07 -34.68
CA ASP C 129 6.91 -2.72 -34.85
C ASP C 129 7.79 -3.58 -33.95
N ILE C 130 8.05 -4.81 -34.40
CA ILE C 130 8.85 -5.75 -33.62
C ILE C 130 10.32 -5.34 -33.57
N HIS C 131 10.81 -4.67 -34.60
CA HIS C 131 12.22 -4.24 -34.62
C HIS C 131 12.51 -3.17 -33.58
N HIS C 132 11.53 -2.30 -33.35
CA HIS C 132 11.66 -1.31 -32.30
C HIS C 132 11.68 -1.96 -30.93
N VAL C 133 10.92 -3.03 -30.75
CA VAL C 133 10.95 -3.79 -29.50
C VAL C 133 12.33 -4.42 -29.29
N ARG C 134 12.87 -4.96 -30.37
CA ARG C 134 14.14 -5.67 -30.33
C ARG C 134 15.30 -4.73 -30.02
N LYS C 135 15.41 -3.62 -30.75
CA LYS C 135 16.51 -2.66 -30.50
C LYS C 135 16.40 -2.06 -29.13
N SER C 136 15.20 -1.63 -28.78
CA SER C 136 14.91 -1.17 -27.43
C SER C 136 15.48 -2.15 -26.40
N MET C 137 15.19 -3.43 -26.54
CA MET C 137 15.67 -4.45 -25.59
C MET C 137 17.19 -4.61 -25.66
N GLU C 138 17.78 -4.36 -26.83
CA GLU C 138 19.24 -4.49 -27.03
C GLU C 138 20.03 -3.35 -26.40
N VAL C 139 19.65 -2.13 -26.76
CA VAL C 139 20.36 -0.96 -26.32
C VAL C 139 20.04 -0.68 -24.86
N ASN C 140 18.75 -0.66 -24.52
CA ASN C 140 18.31 -0.23 -23.21
C ASN C 140 18.47 -1.27 -22.14
N PHE C 141 18.55 -2.54 -22.50
CA PHE C 141 18.74 -3.61 -21.51
C PHE C 141 20.00 -4.46 -21.70
N LEU C 142 20.12 -5.09 -22.86
CA LEU C 142 21.22 -6.04 -23.06
C LEU C 142 22.62 -5.43 -22.95
N SER C 143 22.80 -4.24 -23.51
CA SER C 143 24.09 -3.57 -23.47
C SER C 143 24.52 -3.26 -22.03
N TYR C 144 23.54 -3.01 -21.15
CA TYR C 144 23.80 -2.78 -19.72
C TYR C 144 24.36 -4.05 -19.06
N VAL C 145 23.89 -5.20 -19.51
CA VAL C 145 24.37 -6.46 -18.98
C VAL C 145 25.80 -6.70 -19.47
N VAL C 146 26.04 -6.42 -20.75
CA VAL C 146 27.37 -6.55 -21.34
C VAL C 146 28.36 -5.61 -20.64
N LEU C 147 28.03 -4.32 -20.57
CA LEU C 147 28.86 -3.34 -19.86
C LEU C 147 29.10 -3.77 -18.41
N THR C 148 28.05 -4.26 -17.76
CA THR C 148 28.17 -4.76 -16.41
C THR C 148 29.19 -5.89 -16.34
N VAL C 149 29.07 -6.87 -17.22
CA VAL C 149 29.96 -8.03 -17.20
C VAL C 149 31.43 -7.61 -17.37
N ALA C 150 31.68 -6.72 -18.32
CA ALA C 150 33.02 -6.24 -18.60
C ALA C 150 33.65 -5.42 -17.46
N ALA C 151 32.82 -4.69 -16.72
CA ALA C 151 33.29 -3.78 -15.66
C ALA C 151 33.38 -4.46 -14.28
N LEU C 152 32.90 -5.69 -14.17
CA LEU C 152 32.79 -6.38 -12.89
C LEU C 152 34.13 -6.73 -12.23
N PRO C 153 35.14 -7.17 -13.02
CA PRO C 153 36.48 -7.36 -12.43
C PRO C 153 37.03 -6.11 -11.70
N MET C 154 37.01 -4.95 -12.36
CA MET C 154 37.47 -3.71 -11.76
C MET C 154 36.68 -3.27 -10.54
N LEU C 155 35.36 -3.46 -10.60
CA LEU C 155 34.48 -3.02 -9.51
C LEU C 155 34.57 -3.94 -8.31
N LYS C 156 34.78 -5.23 -8.53
CA LYS C 156 35.05 -6.21 -7.45
C LYS C 156 36.30 -5.76 -6.71
N GLN C 157 37.32 -5.35 -7.47
CA GLN C 157 38.60 -4.84 -6.94
C GLN C 157 38.45 -3.54 -6.17
N SER C 158 37.68 -2.59 -6.71
CA SER C 158 37.46 -1.32 -6.00
C SER C 158 36.30 -1.37 -5.02
N ASN C 159 35.61 -2.51 -4.89
CA ASN C 159 34.39 -2.61 -4.09
C ASN C 159 33.39 -1.51 -4.54
N GLY C 160 33.18 -1.46 -5.86
CA GLY C 160 32.55 -0.31 -6.52
C GLY C 160 31.03 -0.30 -6.57
N SER C 161 30.53 0.57 -7.44
CA SER C 161 29.10 0.77 -7.66
C SER C 161 28.73 0.62 -9.13
N ILE C 162 27.57 -0.01 -9.36
CA ILE C 162 26.87 0.01 -10.64
C ILE C 162 25.64 0.89 -10.40
N VAL C 163 25.47 1.94 -11.19
CA VAL C 163 24.28 2.76 -11.11
C VAL C 163 23.44 2.53 -12.40
N VAL C 164 22.22 2.00 -12.25
CA VAL C 164 21.28 1.82 -13.35
C VAL C 164 20.20 2.92 -13.36
N VAL C 165 20.16 3.72 -14.44
CA VAL C 165 19.08 4.70 -14.60
C VAL C 165 17.85 3.98 -15.20
N SER C 166 16.73 4.04 -14.47
CA SER C 166 15.44 3.50 -14.92
C SER C 166 14.37 4.59 -14.78
N SER C 167 13.10 4.20 -14.70
CA SER C 167 11.99 5.12 -14.85
C SER C 167 10.75 4.65 -14.10
N LEU C 168 9.80 5.58 -13.92
CA LEU C 168 8.42 5.21 -13.50
C LEU C 168 7.87 4.13 -14.42
N ALA C 169 8.08 4.34 -15.71
CA ALA C 169 7.77 3.35 -16.73
C ALA C 169 8.45 1.98 -16.54
N GLY C 170 9.42 1.87 -15.64
CA GLY C 170 10.02 0.58 -15.27
C GLY C 170 9.45 -0.01 -13.98
N LYS C 171 8.51 0.68 -13.37
CA LYS C 171 7.84 0.21 -12.14
C LYS C 171 6.34 0.08 -12.29
N VAL C 172 5.75 0.97 -13.08
CA VAL C 172 4.31 0.96 -13.32
C VAL C 172 4.07 1.05 -14.82
N ALA C 173 2.92 0.52 -15.26
CA ALA C 173 2.57 0.53 -16.67
C ALA C 173 2.09 1.90 -17.10
N TYR C 174 2.54 2.35 -18.27
CA TYR C 174 1.96 3.50 -18.95
C TYR C 174 1.75 3.12 -20.41
N PRO C 175 0.66 3.61 -21.03
CA PRO C 175 0.46 3.34 -22.44
C PRO C 175 1.43 4.17 -23.23
N MET C 176 1.64 3.80 -24.49
CA MET C 176 2.39 4.57 -25.46
C MET C 176 3.89 4.30 -25.39
N VAL C 177 4.34 3.48 -24.43
CA VAL C 177 5.77 3.27 -24.19
C VAL C 177 6.09 1.80 -23.88
N ALA C 178 5.40 0.88 -24.54
CA ALA C 178 5.49 -0.52 -24.17
C ALA C 178 6.90 -1.10 -24.32
N ALA C 179 7.52 -0.93 -25.49
CA ALA C 179 8.86 -1.50 -25.75
C ALA C 179 9.93 -0.92 -24.82
N TYR C 180 9.86 0.39 -24.59
CA TYR C 180 10.67 1.06 -23.61
C TYR C 180 10.39 0.50 -22.23
N SER C 181 9.13 0.47 -21.86
CA SER C 181 8.76 0.04 -20.52
C SER C 181 9.24 -1.37 -20.32
N ALA C 182 9.11 -2.19 -21.34
CA ALA C 182 9.53 -3.57 -21.24
C ALA C 182 11.03 -3.65 -20.96
N SER C 183 11.83 -2.77 -21.55
CA SER C 183 13.25 -2.73 -21.29
C SER C 183 13.58 -2.23 -19.89
N LYS C 184 12.84 -1.25 -19.37
CA LYS C 184 13.05 -0.78 -17.98
C LYS C 184 12.66 -1.79 -16.92
N PHE C 185 11.55 -2.49 -17.14
CA PHE C 185 11.17 -3.56 -16.22
C PHE C 185 12.24 -4.64 -16.17
N ALA C 186 12.87 -4.96 -17.31
CA ALA C 186 13.90 -5.98 -17.32
C ALA C 186 15.12 -5.57 -16.48
N LEU C 187 15.56 -4.33 -16.61
CA LEU C 187 16.64 -3.82 -15.74
C LEU C 187 16.39 -4.14 -14.27
N ASP C 188 15.20 -3.80 -13.79
CA ASP C 188 14.82 -4.06 -12.40
C ASP C 188 14.90 -5.55 -12.12
N GLY C 189 14.21 -6.35 -12.92
CA GLY C 189 14.25 -7.78 -12.78
C GLY C 189 15.65 -8.35 -12.76
N PHE C 190 16.47 -8.00 -13.74
CA PHE C 190 17.82 -8.54 -13.82
C PHE C 190 18.76 -7.99 -12.73
N PHE C 191 18.85 -6.68 -12.58
CA PHE C 191 19.79 -6.10 -11.61
C PHE C 191 19.43 -6.31 -10.14
N SER C 192 18.14 -6.36 -9.84
CA SER C 192 17.70 -6.70 -8.48
C SER C 192 18.04 -8.12 -8.13
N SER C 193 17.91 -9.03 -9.10
CA SER C 193 18.25 -10.43 -8.86
C SER C 193 19.75 -10.58 -8.59
N ILE C 194 20.56 -9.88 -9.38
CA ILE C 194 22.02 -9.80 -9.23
C ILE C 194 22.39 -9.21 -7.87
N ARG C 195 21.68 -8.15 -7.45
CA ARG C 195 21.98 -7.49 -6.17
C ARG C 195 21.95 -8.52 -5.05
N LYS C 196 20.87 -9.31 -4.98
CA LYS C 196 20.76 -10.37 -3.97
C LYS C 196 21.92 -11.37 -4.09
N GLU C 197 22.26 -11.73 -5.32
CA GLU C 197 23.36 -12.67 -5.59
C GLU C 197 24.70 -12.13 -5.11
N TYR C 198 24.89 -10.82 -5.19
CA TYR C 198 26.10 -10.21 -4.66
C TYR C 198 26.06 -10.12 -3.13
N SER C 199 24.87 -9.90 -2.56
CA SER C 199 24.64 -9.91 -1.10
C SER C 199 24.70 -11.28 -0.42
N VAL C 200 25.24 -12.31 -1.08
CA VAL C 200 25.46 -13.63 -0.45
C VAL C 200 26.78 -14.31 -0.88
N SER C 201 27.20 -14.10 -2.12
CA SER C 201 28.53 -14.49 -2.57
C SER C 201 29.61 -13.52 -2.07
N ARG C 202 29.20 -12.50 -1.30
CA ARG C 202 30.11 -11.54 -0.68
C ARG C 202 30.77 -10.55 -1.64
N VAL C 203 30.36 -10.57 -2.92
CA VAL C 203 30.85 -9.64 -3.93
C VAL C 203 30.41 -8.26 -3.48
N ASN C 204 31.36 -7.40 -3.13
CA ASN C 204 31.03 -6.16 -2.43
C ASN C 204 30.83 -4.96 -3.37
N VAL C 205 30.09 -5.19 -4.46
CA VAL C 205 29.71 -4.13 -5.41
C VAL C 205 28.26 -3.75 -5.17
N SER C 206 27.98 -2.45 -5.06
CA SER C 206 26.62 -1.98 -4.85
C SER C 206 25.91 -1.80 -6.20
N ILE C 207 24.59 -1.99 -6.18
CA ILE C 207 23.73 -1.82 -7.36
C ILE C 207 22.59 -0.86 -7.01
N THR C 208 22.53 0.24 -7.75
CA THR C 208 21.62 1.33 -7.47
C THR C 208 20.70 1.51 -8.66
N LEU C 209 19.42 1.13 -8.49
CA LEU C 209 18.37 1.35 -9.49
C LEU C 209 17.72 2.71 -9.27
N CYS C 210 17.75 3.59 -10.27
CA CYS C 210 17.17 4.93 -10.14
C CYS C 210 15.83 5.03 -10.86
N VAL C 211 14.76 5.24 -10.11
CA VAL C 211 13.43 5.45 -10.70
C VAL C 211 13.17 6.94 -10.84
N LEU C 212 13.22 7.46 -12.05
CA LEU C 212 13.03 8.88 -12.31
C LEU C 212 11.69 9.16 -12.95
N GLY C 213 11.05 10.24 -12.52
CA GLY C 213 9.86 10.73 -13.18
C GLY C 213 10.30 11.55 -14.37
N LEU C 214 9.36 12.32 -14.94
CA LEU C 214 9.69 13.20 -16.06
C LEU C 214 10.77 14.20 -15.65
N ILE C 215 11.76 14.36 -16.53
CA ILE C 215 12.87 15.27 -16.29
C ILE C 215 12.92 16.20 -17.48
N ASP C 216 13.29 17.46 -17.23
CA ASP C 216 13.22 18.53 -18.25
C ASP C 216 14.39 18.55 -19.28
N THR C 217 14.68 17.38 -19.87
CA THR C 217 15.70 17.26 -20.92
C THR C 217 15.06 17.58 -22.26
N GLU C 218 15.89 17.98 -23.24
CA GLU C 218 15.38 18.30 -24.58
C GLU C 218 14.57 17.14 -25.20
N THR C 219 15.16 15.95 -25.24
CA THR C 219 14.50 14.76 -25.80
C THR C 219 13.12 14.49 -25.19
N ALA C 220 13.04 14.57 -23.86
CA ALA C 220 11.83 14.18 -23.12
C ALA C 220 10.70 15.14 -23.39
N MET C 221 11.02 16.43 -23.35
CA MET C 221 10.05 17.50 -23.60
C MET C 221 9.58 17.41 -25.04
N LYS C 222 10.52 17.48 -25.99
CA LYS C 222 10.21 17.36 -27.43
C LYS C 222 9.64 16.00 -27.89
N ALA C 223 9.30 15.11 -26.93
CA ALA C 223 8.61 13.83 -27.19
C ALA C 223 7.23 13.72 -26.52
N VAL C 224 7.07 14.37 -25.37
CA VAL C 224 5.77 14.47 -24.69
C VAL C 224 5.11 15.81 -25.06
N MET C 230 2.38 16.79 -17.59
CA MET C 230 2.95 16.69 -16.25
C MET C 230 4.14 17.64 -16.02
N GLN C 231 4.51 17.79 -14.76
CA GLN C 231 5.61 18.69 -14.37
C GLN C 231 6.93 17.95 -14.37
N ALA C 232 7.94 18.55 -15.02
CA ALA C 232 9.27 17.97 -15.20
C ALA C 232 10.25 18.61 -14.23
N ALA C 233 10.96 17.76 -13.47
CA ALA C 233 11.96 18.21 -12.52
C ALA C 233 13.22 18.65 -13.25
N PRO C 234 14.07 19.47 -12.60
CA PRO C 234 15.25 20.01 -13.29
C PRO C 234 16.35 18.94 -13.50
N LYS C 235 16.87 18.92 -14.72
CA LYS C 235 17.88 17.93 -15.17
C LYS C 235 19.16 17.91 -14.33
N GLU C 236 19.67 19.09 -13.96
CA GLU C 236 20.94 19.21 -13.21
C GLU C 236 20.83 18.69 -11.78
N GLU C 237 19.72 19.01 -11.12
CA GLU C 237 19.43 18.47 -9.80
C GLU C 237 19.23 16.95 -9.87
N CYS C 238 18.53 16.50 -10.91
CA CYS C 238 18.33 15.07 -11.16
C CYS C 238 19.66 14.33 -11.23
N ALA C 239 20.55 14.81 -12.09
CA ALA C 239 21.87 14.21 -12.28
C ALA C 239 22.63 14.03 -10.96
N LEU C 240 22.53 15.03 -10.11
CA LEU C 240 23.21 15.01 -8.83
C LEU C 240 22.61 13.93 -7.93
N GLU C 241 21.28 13.86 -7.89
CA GLU C 241 20.60 12.84 -7.06
C GLU C 241 21.02 11.42 -7.45
N ILE C 242 21.22 11.19 -8.76
CA ILE C 242 21.69 9.89 -9.24
C ILE C 242 23.08 9.59 -8.65
N ILE C 243 24.01 10.53 -8.84
CA ILE C 243 25.39 10.44 -8.32
C ILE C 243 25.41 10.20 -6.81
N LYS C 244 24.67 11.05 -6.09
CA LYS C 244 24.48 10.93 -4.64
C LYS C 244 24.08 9.52 -4.22
N GLY C 245 22.94 9.05 -4.74
CA GLY C 245 22.41 7.73 -4.40
C GLY C 245 23.42 6.63 -4.66
N GLY C 246 24.11 6.75 -5.81
CA GLY C 246 25.15 5.82 -6.18
C GLY C 246 26.31 5.85 -5.21
N ALA C 247 26.75 7.06 -4.86
CA ALA C 247 27.83 7.27 -3.86
C ALA C 247 27.44 6.74 -2.49
N LEU C 248 26.20 6.97 -2.08
CA LEU C 248 25.71 6.45 -0.81
C LEU C 248 25.39 4.96 -0.84
N ARG C 249 25.59 4.30 -1.98
CA ARG C 249 25.31 2.87 -2.17
C ARG C 249 23.84 2.46 -1.87
N GLN C 250 22.90 3.33 -2.22
CA GLN C 250 21.49 3.07 -1.99
C GLN C 250 21.01 2.01 -2.99
N GLU C 251 20.08 1.14 -2.57
CA GLU C 251 19.55 0.10 -3.45
C GLU C 251 18.69 0.70 -4.56
N GLU C 252 17.84 1.68 -4.20
CA GLU C 252 17.00 2.39 -5.17
C GLU C 252 17.02 3.89 -4.91
N VAL C 253 16.81 4.69 -5.96
CA VAL C 253 16.74 6.13 -5.87
C VAL C 253 15.50 6.60 -6.58
N TYR C 254 14.77 7.51 -5.96
CA TYR C 254 13.56 8.05 -6.56
C TYR C 254 13.75 9.54 -6.72
N TYR C 255 13.23 10.08 -7.82
CA TYR C 255 13.30 11.50 -8.09
C TYR C 255 12.18 11.87 -9.06
N ASP C 256 11.26 12.70 -8.58
CA ASP C 256 10.17 13.22 -9.40
C ASP C 256 9.89 14.67 -8.98
N SER C 257 9.35 15.45 -9.91
CA SER C 257 8.91 16.83 -9.63
C SER C 257 7.89 16.91 -8.49
N SER C 258 7.21 15.80 -8.18
CA SER C 258 6.23 15.73 -7.09
C SER C 258 6.68 14.80 -5.97
N LEU C 259 6.28 15.13 -4.73
CA LEU C 259 6.45 14.24 -3.57
C LEU C 259 5.30 13.20 -3.44
N TRP C 260 4.12 13.55 -3.98
CA TRP C 260 3.01 12.60 -4.10
C TRP C 260 3.41 11.39 -4.96
N THR C 261 4.09 11.65 -6.07
CA THR C 261 4.65 10.60 -6.92
C THR C 261 5.68 9.74 -6.21
N THR C 262 6.73 10.39 -5.72
CA THR C 262 7.92 9.71 -5.21
C THR C 262 7.60 8.77 -4.05
N LEU C 263 6.67 9.19 -3.19
CA LEU C 263 6.37 8.43 -1.98
C LEU C 263 5.63 7.09 -2.24
N LEU C 264 4.73 7.05 -3.23
CA LEU C 264 3.98 5.80 -3.55
C LEU C 264 4.76 4.82 -4.44
N ILE C 265 5.84 5.30 -5.09
CA ILE C 265 6.67 4.46 -5.97
C ILE C 265 7.39 3.36 -5.21
N ARG C 266 7.72 3.60 -3.94
CA ARG C 266 8.25 2.54 -3.10
C ARG C 266 7.19 1.43 -2.97
N ASN C 267 7.64 0.21 -2.70
CA ASN C 267 6.72 -0.93 -2.56
C ASN C 267 7.12 -1.90 -1.43
N PRO C 268 6.47 -1.76 -0.25
CA PRO C 268 6.81 -2.59 0.91
C PRO C 268 6.42 -4.05 0.73
N SER C 269 5.31 -4.32 0.04
CA SER C 269 4.83 -5.69 -0.24
C SER C 269 5.90 -6.60 -0.87
N ARG C 270 6.71 -6.00 -1.76
CA ARG C 270 7.82 -6.68 -2.39
C ARG C 270 8.95 -6.94 -1.40
N LYS C 271 9.41 -5.90 -0.68
CA LYS C 271 10.46 -6.05 0.36
C LYS C 271 10.20 -7.25 1.26
N ILE C 272 8.92 -7.42 1.62
CA ILE C 272 8.48 -8.52 2.48
C ILE C 272 8.68 -9.87 1.80
N LEU C 273 7.93 -10.11 0.71
CA LEU C 273 8.03 -11.36 -0.09
C LEU C 273 9.45 -11.81 -0.35
N GLU C 274 10.29 -10.83 -0.70
CA GLU C 274 11.71 -11.05 -0.94
C GLU C 274 12.35 -11.53 0.36
N PHE C 275 12.22 -10.72 1.42
CA PHE C 275 12.76 -11.09 2.76
C PHE C 275 12.25 -12.44 3.23
N LEU C 276 10.98 -12.73 2.94
CA LEU C 276 10.36 -13.99 3.34
C LEU C 276 11.05 -15.18 2.71
N TYR C 277 11.01 -15.27 1.39
CA TYR C 277 11.74 -16.33 0.70
C TYR C 277 13.23 -16.01 0.79
N ARG D 25 -17.73 -20.70 -15.81
CA ARG D 25 -18.54 -21.82 -16.42
C ARG D 25 -17.75 -22.57 -17.51
N PRO D 26 -17.50 -23.89 -17.32
CA PRO D 26 -16.85 -24.74 -18.32
C PRO D 26 -17.47 -24.73 -19.72
N GLU D 27 -18.64 -24.10 -19.84
CA GLU D 27 -19.34 -23.88 -21.11
C GLU D 27 -18.73 -22.76 -21.96
N MET D 28 -18.03 -21.82 -21.32
CA MET D 28 -17.41 -20.67 -22.00
C MET D 28 -16.33 -21.12 -23.02
N LEU D 29 -15.66 -22.23 -22.70
CA LEU D 29 -14.67 -22.86 -23.59
C LEU D 29 -15.26 -23.79 -24.68
N GLN D 30 -16.58 -23.81 -24.84
CA GLN D 30 -17.24 -24.67 -25.82
C GLN D 30 -17.07 -24.20 -27.25
N GLY D 31 -16.31 -24.97 -28.03
CA GLY D 31 -16.09 -24.67 -29.44
C GLY D 31 -15.20 -23.48 -29.75
N LYS D 32 -14.50 -22.93 -28.76
CA LYS D 32 -13.65 -21.75 -28.96
C LYS D 32 -12.30 -22.18 -29.57
N LYS D 33 -11.72 -21.30 -30.41
CA LYS D 33 -10.44 -21.54 -31.10
C LYS D 33 -9.22 -21.02 -30.29
N VAL D 34 -8.34 -21.95 -29.86
CA VAL D 34 -7.27 -21.69 -28.88
C VAL D 34 -5.87 -22.19 -29.32
N ILE D 35 -4.82 -21.40 -29.09
CA ILE D 35 -3.43 -21.85 -29.23
C ILE D 35 -2.80 -21.99 -27.85
N VAL D 36 -1.94 -23.00 -27.68
CA VAL D 36 -1.22 -23.21 -26.42
C VAL D 36 0.25 -23.48 -26.71
N THR D 37 1.14 -22.54 -26.35
CA THR D 37 2.58 -22.75 -26.56
C THR D 37 3.20 -23.49 -25.40
N GLY D 38 4.38 -24.04 -25.64
CA GLY D 38 5.07 -24.87 -24.64
C GLY D 38 4.17 -25.93 -24.04
N ALA D 39 3.34 -26.53 -24.90
CA ALA D 39 2.30 -27.47 -24.50
C ALA D 39 2.67 -28.94 -24.63
N SER D 40 3.95 -29.24 -24.85
CA SER D 40 4.41 -30.62 -24.91
C SER D 40 4.55 -31.24 -23.50
N LYS D 41 5.04 -30.46 -22.54
CA LYS D 41 5.26 -30.94 -21.16
C LYS D 41 4.70 -29.97 -20.12
N GLY D 42 4.64 -30.43 -18.87
CA GLY D 42 4.24 -29.59 -17.73
C GLY D 42 2.89 -28.90 -17.85
N ILE D 43 2.85 -27.60 -17.53
CA ILE D 43 1.59 -26.83 -17.41
C ILE D 43 0.90 -26.68 -18.75
N GLY D 44 1.68 -26.39 -19.79
CA GLY D 44 1.12 -26.20 -21.13
C GLY D 44 0.31 -27.39 -21.61
N ARG D 45 0.78 -28.59 -21.26
CA ARG D 45 0.09 -29.85 -21.52
C ARG D 45 -1.23 -29.93 -20.78
N GLU D 46 -1.19 -29.69 -19.47
CA GLU D 46 -2.40 -29.71 -18.63
C GLU D 46 -3.43 -28.69 -19.11
N MET D 47 -2.95 -27.55 -19.60
CA MET D 47 -3.84 -26.54 -20.15
C MET D 47 -4.54 -27.05 -21.38
N ALA D 48 -3.82 -27.81 -22.20
CA ALA D 48 -4.40 -28.47 -23.38
C ALA D 48 -5.46 -29.51 -23.01
N TYR D 49 -5.16 -30.33 -22.01
CA TYR D 49 -6.10 -31.35 -21.55
C TYR D 49 -7.41 -30.73 -21.07
N HIS D 50 -7.33 -29.81 -20.11
CA HIS D 50 -8.49 -29.07 -19.63
C HIS D 50 -9.27 -28.42 -20.77
N LEU D 51 -8.54 -27.85 -21.73
CA LEU D 51 -9.16 -27.24 -22.91
C LEU D 51 -9.84 -28.25 -23.84
N ALA D 52 -9.26 -29.45 -23.93
CA ALA D 52 -9.87 -30.56 -24.67
C ALA D 52 -11.15 -31.04 -24.02
N LYS D 53 -11.11 -31.21 -22.70
CA LYS D 53 -12.27 -31.64 -21.92
C LYS D 53 -13.46 -30.68 -21.99
N MET D 54 -13.23 -29.40 -22.30
CA MET D 54 -14.32 -28.41 -22.53
C MET D 54 -14.74 -28.27 -24.00
N GLY D 55 -14.14 -29.07 -24.88
CA GLY D 55 -14.50 -29.10 -26.30
C GLY D 55 -14.15 -27.87 -27.11
N ALA D 56 -12.91 -27.41 -26.99
CA ALA D 56 -12.40 -26.25 -27.73
C ALA D 56 -11.52 -26.72 -28.87
N HIS D 57 -11.42 -25.90 -29.90
CA HIS D 57 -10.46 -26.16 -30.97
C HIS D 57 -9.08 -25.71 -30.48
N VAL D 58 -8.09 -26.59 -30.61
CA VAL D 58 -6.74 -26.34 -30.08
C VAL D 58 -5.65 -26.61 -31.11
N VAL D 59 -4.66 -25.72 -31.16
CA VAL D 59 -3.40 -25.95 -31.88
C VAL D 59 -2.29 -25.78 -30.86
N VAL D 60 -1.60 -26.87 -30.57
CA VAL D 60 -0.53 -26.85 -29.59
C VAL D 60 0.81 -26.73 -30.30
N THR D 61 1.85 -26.32 -29.57
CA THR D 61 3.19 -26.19 -30.16
C THR D 61 4.30 -26.34 -29.15
N ALA D 62 5.48 -26.61 -29.67
CA ALA D 62 6.68 -26.96 -28.90
C ALA D 62 7.71 -27.46 -29.92
N ARG D 63 8.82 -28.04 -29.47
CA ARG D 63 9.77 -28.69 -30.35
C ARG D 63 9.61 -30.21 -30.24
N THR D 67 6.38 -36.13 -28.80
CA THR D 67 5.55 -36.00 -27.59
C THR D 67 4.25 -35.23 -27.83
N LEU D 68 4.31 -34.25 -28.74
CA LEU D 68 3.14 -33.48 -29.17
C LEU D 68 1.98 -34.33 -29.67
N GLN D 69 2.25 -35.32 -30.52
CA GLN D 69 1.20 -36.20 -31.05
C GLN D 69 0.48 -36.97 -29.93
N LYS D 70 1.28 -37.51 -29.01
CA LYS D 70 0.75 -38.17 -27.79
C LYS D 70 -0.23 -37.24 -27.08
N VAL D 71 0.14 -35.97 -27.01
CA VAL D 71 -0.71 -34.91 -26.45
C VAL D 71 -1.98 -34.72 -27.31
N VAL D 72 -1.83 -34.71 -28.62
CA VAL D 72 -2.96 -34.51 -29.55
C VAL D 72 -3.97 -35.66 -29.48
N SER D 73 -3.47 -36.89 -29.29
CA SER D 73 -4.33 -38.08 -29.16
C SER D 73 -5.27 -37.92 -27.97
N HIS D 74 -4.65 -37.77 -26.78
CA HIS D 74 -5.37 -37.64 -25.49
C HIS D 74 -6.39 -36.49 -25.51
N CYS D 75 -6.05 -35.43 -26.24
CA CYS D 75 -6.93 -34.26 -26.36
C CYS D 75 -8.22 -34.62 -27.10
N LEU D 76 -8.10 -35.19 -28.32
CA LEU D 76 -9.28 -35.61 -29.10
C LEU D 76 -10.18 -36.59 -28.34
N GLU D 77 -9.55 -37.62 -27.79
CA GLU D 77 -10.25 -38.61 -26.94
C GLU D 77 -10.72 -38.10 -25.56
N LEU D 78 -10.50 -36.82 -25.24
CA LEU D 78 -11.10 -36.17 -24.07
C LEU D 78 -12.27 -35.25 -24.45
N GLY D 79 -12.53 -35.12 -25.76
CA GLY D 79 -13.63 -34.30 -26.28
C GLY D 79 -13.22 -33.06 -27.05
N ALA D 80 -11.99 -33.04 -27.62
CA ALA D 80 -11.48 -31.87 -28.34
C ALA D 80 -12.16 -31.71 -29.70
N ALA D 81 -12.73 -30.53 -29.92
CA ALA D 81 -13.40 -30.22 -31.19
C ALA D 81 -12.47 -30.38 -32.39
N SER D 82 -11.22 -29.97 -32.23
CA SER D 82 -10.15 -30.26 -33.21
C SER D 82 -8.79 -30.04 -32.57
N ALA D 83 -7.89 -30.99 -32.72
CA ALA D 83 -6.56 -30.93 -32.11
C ALA D 83 -5.50 -31.17 -33.17
N HIS D 84 -4.77 -30.12 -33.55
CA HIS D 84 -3.61 -30.22 -34.45
C HIS D 84 -2.35 -29.80 -33.69
N TYR D 85 -1.21 -29.90 -34.36
CA TYR D 85 0.08 -29.42 -33.82
C TYR D 85 0.97 -28.82 -34.89
N ILE D 86 1.92 -27.99 -34.47
CA ILE D 86 2.98 -27.49 -35.35
C ILE D 86 4.28 -27.35 -34.53
N ALA D 87 5.24 -28.22 -34.78
CA ALA D 87 6.49 -28.23 -34.01
C ALA D 87 7.51 -27.23 -34.58
N GLY D 88 8.31 -26.65 -33.69
CA GLY D 88 9.36 -25.71 -34.06
C GLY D 88 9.87 -24.94 -32.86
N THR D 89 11.00 -24.26 -33.05
CA THR D 89 11.61 -23.46 -32.00
C THR D 89 11.17 -21.98 -32.02
N MET D 90 10.78 -21.50 -30.85
CA MET D 90 10.42 -20.10 -30.69
C MET D 90 11.65 -19.20 -30.56
N GLU D 91 12.85 -19.79 -30.68
CA GLU D 91 14.07 -19.05 -31.03
C GLU D 91 13.92 -18.38 -32.41
N ASP D 92 13.17 -19.00 -33.31
CA ASP D 92 12.97 -18.51 -34.68
C ASP D 92 11.72 -17.65 -34.75
N MET D 93 11.95 -16.35 -34.92
CA MET D 93 10.86 -15.38 -34.98
C MET D 93 10.04 -15.53 -36.25
N THR D 94 10.66 -15.99 -37.33
CA THR D 94 9.98 -16.24 -38.59
C THR D 94 9.03 -17.43 -38.42
N PHE D 95 9.52 -18.47 -37.76
CA PHE D 95 8.69 -19.61 -37.40
C PHE D 95 7.51 -19.14 -36.59
N ALA D 96 7.78 -18.35 -35.56
CA ALA D 96 6.73 -17.82 -34.70
C ALA D 96 5.68 -17.06 -35.48
N GLU D 97 6.09 -16.21 -36.42
CA GLU D 97 5.13 -15.43 -37.24
C GLU D 97 4.30 -16.31 -38.17
N GLN D 98 4.93 -17.35 -38.71
CA GLN D 98 4.22 -18.30 -39.57
C GLN D 98 3.26 -19.19 -38.77
N PHE D 99 3.72 -19.69 -37.63
CA PHE D 99 2.93 -20.59 -36.78
C PHE D 99 1.52 -20.07 -36.53
N VAL D 100 1.40 -18.78 -36.23
CA VAL D 100 0.13 -18.16 -35.87
C VAL D 100 -0.79 -18.14 -37.09
N ALA D 101 -0.22 -17.82 -38.24
CA ALA D 101 -0.95 -17.85 -39.51
C ALA D 101 -1.43 -19.27 -39.84
N GLN D 102 -0.50 -20.23 -39.81
CA GLN D 102 -0.80 -21.62 -40.12
C GLN D 102 -1.86 -22.18 -39.17
N ALA D 103 -1.65 -21.97 -37.87
CA ALA D 103 -2.65 -22.35 -36.87
C ALA D 103 -4.00 -21.64 -37.07
N GLY D 104 -3.94 -20.42 -37.59
CA GLY D 104 -5.13 -19.67 -37.97
C GLY D 104 -5.86 -20.27 -39.16
N LYS D 105 -5.09 -20.71 -40.16
CA LYS D 105 -5.61 -21.46 -41.32
C LYS D 105 -6.33 -22.73 -40.82
N LEU D 106 -5.60 -23.54 -40.05
CA LEU D 106 -6.11 -24.80 -39.47
C LEU D 106 -7.40 -24.71 -38.63
N MET D 107 -7.70 -23.54 -38.06
CA MET D 107 -8.91 -23.35 -37.25
C MET D 107 -9.89 -22.33 -37.82
N GLY D 108 -9.47 -21.56 -38.84
CA GLY D 108 -10.31 -20.53 -39.44
C GLY D 108 -10.65 -19.37 -38.50
N GLY D 109 -9.67 -18.99 -37.68
CA GLY D 109 -9.86 -17.94 -36.66
C GLY D 109 -9.31 -18.33 -35.30
N LEU D 110 -9.38 -17.38 -34.35
CA LEU D 110 -8.73 -17.50 -33.03
C LEU D 110 -9.45 -16.67 -31.96
N ASP D 111 -9.68 -17.27 -30.79
CA ASP D 111 -10.28 -16.58 -29.64
C ASP D 111 -9.38 -16.40 -28.40
N MET D 112 -8.48 -17.35 -28.15
CA MET D 112 -7.58 -17.27 -27.03
C MET D 112 -6.17 -17.76 -27.40
N LEU D 113 -5.20 -16.83 -27.37
CA LEU D 113 -3.80 -17.17 -27.52
C LEU D 113 -3.22 -17.33 -26.12
N ILE D 114 -2.65 -18.50 -25.82
CA ILE D 114 -2.01 -18.76 -24.53
C ILE D 114 -0.50 -18.86 -24.76
N LEU D 115 0.25 -17.96 -24.10
CA LEU D 115 1.71 -17.89 -24.23
C LEU D 115 2.35 -18.41 -22.96
N ASN D 116 2.99 -19.56 -23.08
CA ASN D 116 3.44 -20.35 -21.93
C ASN D 116 4.89 -20.86 -22.04
N HIS D 117 5.36 -21.09 -23.26
CA HIS D 117 6.70 -21.60 -23.46
C HIS D 117 7.78 -20.73 -22.86
N ILE D 118 8.83 -21.38 -22.37
CA ILE D 118 10.06 -20.70 -21.99
C ILE D 118 11.28 -21.56 -22.31
N THR D 119 12.38 -20.89 -22.66
CA THR D 119 13.67 -21.56 -22.79
C THR D 119 14.15 -22.09 -21.47
N ASN D 120 14.99 -23.11 -21.53
CA ASN D 120 15.37 -23.90 -20.35
C ASN D 120 16.32 -23.13 -19.47
N THR D 121 16.11 -23.25 -18.16
CA THR D 121 16.87 -22.48 -17.20
C THR D 121 17.27 -23.35 -16.00
N SER D 122 18.54 -23.27 -15.66
CA SER D 122 19.06 -23.88 -14.46
C SER D 122 19.30 -22.77 -13.46
N LEU D 123 19.05 -23.06 -12.19
CA LEU D 123 19.40 -22.14 -11.11
C LEU D 123 20.92 -22.01 -11.04
N ASN D 124 21.39 -20.79 -11.26
CA ASN D 124 22.82 -20.51 -11.33
C ASN D 124 23.06 -19.06 -10.98
N LEU D 125 24.06 -18.83 -10.16
CA LEU D 125 24.59 -17.50 -9.96
C LEU D 125 24.99 -16.98 -11.34
N PHE D 126 24.48 -15.81 -11.70
CA PHE D 126 24.88 -15.19 -12.95
C PHE D 126 26.30 -14.74 -12.77
N HIS D 127 27.14 -15.19 -13.69
CA HIS D 127 28.52 -14.83 -13.69
C HIS D 127 28.84 -14.13 -15.00
N ASP D 128 28.75 -14.88 -16.11
CA ASP D 128 29.28 -14.43 -17.41
C ASP D 128 28.34 -14.70 -18.61
N ASP D 129 27.18 -15.29 -18.37
CA ASP D 129 26.43 -15.94 -19.42
C ASP D 129 25.53 -14.98 -20.20
N ILE D 130 26.16 -14.11 -20.99
CA ILE D 130 25.39 -13.16 -21.81
C ILE D 130 24.60 -13.88 -22.87
N HIS D 131 25.09 -15.04 -23.32
CA HIS D 131 24.36 -15.88 -24.24
C HIS D 131 22.96 -16.24 -23.69
N HIS D 132 22.88 -16.73 -22.44
CA HIS D 132 21.60 -17.16 -21.86
C HIS D 132 20.65 -15.97 -21.60
N VAL D 133 21.24 -14.85 -21.24
CA VAL D 133 20.48 -13.64 -21.06
C VAL D 133 19.77 -13.32 -22.39
N ARG D 134 20.53 -13.28 -23.48
CA ARG D 134 19.98 -12.90 -24.77
C ARG D 134 18.93 -13.91 -25.25
N LYS D 135 19.16 -15.19 -25.02
CA LYS D 135 18.21 -16.20 -25.48
C LYS D 135 16.92 -16.15 -24.66
N SER D 136 17.05 -15.86 -23.37
CA SER D 136 15.88 -15.69 -22.49
C SER D 136 14.99 -14.56 -22.97
N MET D 137 15.59 -13.42 -23.29
CA MET D 137 14.78 -12.32 -23.82
C MET D 137 14.10 -12.69 -25.14
N GLU D 138 14.79 -13.48 -25.97
CA GLU D 138 14.27 -13.91 -27.27
C GLU D 138 13.05 -14.85 -27.13
N VAL D 139 13.23 -15.93 -26.39
CA VAL D 139 12.19 -16.96 -26.27
C VAL D 139 11.11 -16.54 -25.30
N ASN D 140 11.54 -16.10 -24.12
CA ASN D 140 10.60 -15.88 -23.02
C ASN D 140 9.84 -14.59 -23.17
N PHE D 141 10.46 -13.60 -23.81
CA PHE D 141 9.81 -12.31 -24.01
C PHE D 141 9.52 -11.97 -25.46
N LEU D 142 10.54 -12.02 -26.30
CA LEU D 142 10.46 -11.50 -27.67
C LEU D 142 9.53 -12.30 -28.57
N SER D 143 9.53 -13.62 -28.43
CA SER D 143 8.62 -14.46 -29.22
C SER D 143 7.15 -14.20 -28.87
N TYR D 144 6.85 -14.00 -27.59
CA TYR D 144 5.47 -13.74 -27.15
C TYR D 144 4.91 -12.51 -27.84
N VAL D 145 5.79 -11.55 -28.12
CA VAL D 145 5.41 -10.30 -28.76
C VAL D 145 5.15 -10.53 -30.25
N VAL D 146 5.98 -11.36 -30.87
CA VAL D 146 5.82 -11.73 -32.29
C VAL D 146 4.50 -12.49 -32.53
N LEU D 147 4.28 -13.50 -31.69
CA LEU D 147 3.04 -14.26 -31.71
C LEU D 147 1.82 -13.35 -31.57
N THR D 148 1.88 -12.42 -30.63
CA THR D 148 0.80 -11.48 -30.35
C THR D 148 0.52 -10.53 -31.52
N VAL D 149 1.56 -10.16 -32.28
CA VAL D 149 1.38 -9.25 -33.41
C VAL D 149 0.63 -9.98 -34.52
N ALA D 150 1.04 -11.22 -34.74
CA ALA D 150 0.44 -12.11 -35.72
C ALA D 150 -1.02 -12.43 -35.40
N ALA D 151 -1.31 -12.71 -34.14
CA ALA D 151 -2.66 -13.12 -33.71
C ALA D 151 -3.61 -11.93 -33.56
N LEU D 152 -3.08 -10.73 -33.59
CA LEU D 152 -3.89 -9.54 -33.31
C LEU D 152 -5.13 -9.38 -34.23
N PRO D 153 -4.94 -9.49 -35.57
CA PRO D 153 -6.08 -9.43 -36.51
C PRO D 153 -7.21 -10.45 -36.20
N MET D 154 -6.86 -11.72 -36.06
CA MET D 154 -7.85 -12.75 -35.72
C MET D 154 -8.51 -12.51 -34.37
N LEU D 155 -7.72 -12.08 -33.40
CA LEU D 155 -8.23 -11.79 -32.07
C LEU D 155 -9.09 -10.51 -32.04
N LYS D 156 -8.71 -9.52 -32.85
CA LYS D 156 -9.53 -8.30 -33.00
C LYS D 156 -10.97 -8.67 -33.42
N GLN D 157 -11.11 -9.48 -34.48
CA GLN D 157 -12.43 -9.91 -34.98
C GLN D 157 -13.22 -10.75 -34.00
N SER D 158 -12.54 -11.69 -33.34
CA SER D 158 -13.18 -12.57 -32.35
C SER D 158 -13.36 -11.95 -30.96
N ASN D 159 -12.85 -10.73 -30.74
CA ASN D 159 -12.94 -10.02 -29.46
C ASN D 159 -12.33 -10.87 -28.33
N GLY D 160 -11.14 -11.40 -28.61
CA GLY D 160 -10.59 -12.53 -27.87
C GLY D 160 -9.74 -12.23 -26.64
N SER D 161 -8.81 -13.14 -26.35
CA SER D 161 -8.02 -13.08 -25.15
C SER D 161 -6.58 -13.56 -25.35
N ILE D 162 -5.63 -12.80 -24.80
CA ILE D 162 -4.24 -13.22 -24.73
C ILE D 162 -3.93 -13.55 -23.26
N VAL D 163 -3.29 -14.69 -23.02
CA VAL D 163 -2.91 -15.13 -21.68
C VAL D 163 -1.39 -15.33 -21.60
N VAL D 164 -0.75 -14.54 -20.74
CA VAL D 164 0.68 -14.57 -20.53
C VAL D 164 1.00 -15.26 -19.22
N VAL D 165 1.72 -16.36 -19.31
CA VAL D 165 2.12 -17.07 -18.12
C VAL D 165 3.42 -16.45 -17.64
N SER D 166 3.37 -15.89 -16.43
CA SER D 166 4.54 -15.31 -15.80
C SER D 166 4.82 -16.02 -14.48
N SER D 167 5.46 -15.32 -13.55
CA SER D 167 6.00 -15.95 -12.36
C SER D 167 6.19 -14.92 -11.28
N LEU D 168 6.26 -15.39 -10.04
CA LEU D 168 6.68 -14.57 -8.88
C LEU D 168 7.95 -13.81 -9.16
N ALA D 169 8.87 -14.50 -9.83
CA ALA D 169 10.11 -13.91 -10.33
C ALA D 169 9.95 -12.81 -11.38
N GLY D 170 8.73 -12.57 -11.85
CA GLY D 170 8.40 -11.41 -12.69
C GLY D 170 7.79 -10.26 -11.91
N LYS D 171 7.62 -10.49 -10.60
CA LYS D 171 7.10 -9.49 -9.68
C LYS D 171 8.10 -9.09 -8.59
N VAL D 172 8.95 -10.02 -8.18
CA VAL D 172 9.91 -9.79 -7.11
C VAL D 172 11.20 -10.52 -7.50
N ALA D 173 12.29 -10.21 -6.81
CA ALA D 173 13.63 -10.71 -7.17
C ALA D 173 14.02 -11.98 -6.44
N TYR D 174 14.74 -12.86 -7.14
CA TYR D 174 15.36 -14.04 -6.54
C TYR D 174 16.72 -14.19 -7.18
N PRO D 175 17.75 -14.55 -6.38
CA PRO D 175 19.05 -14.90 -6.96
C PRO D 175 18.90 -16.18 -7.75
N MET D 176 19.95 -16.59 -8.45
CA MET D 176 19.94 -17.81 -9.26
C MET D 176 19.13 -17.72 -10.58
N VAL D 177 18.28 -16.71 -10.75
CA VAL D 177 17.33 -16.66 -11.89
C VAL D 177 17.21 -15.28 -12.57
N ALA D 178 18.33 -14.55 -12.66
CA ALA D 178 18.34 -13.16 -13.11
C ALA D 178 17.82 -13.01 -14.56
N ALA D 179 18.44 -13.74 -15.47
CA ALA D 179 18.03 -13.74 -16.87
C ALA D 179 16.53 -14.05 -17.02
N TYR D 180 16.08 -15.04 -16.27
CA TYR D 180 14.68 -15.46 -16.27
C TYR D 180 13.79 -14.37 -15.73
N SER D 181 14.13 -13.87 -14.54
CA SER D 181 13.40 -12.77 -13.90
C SER D 181 13.32 -11.57 -14.85
N ALA D 182 14.42 -11.22 -15.49
CA ALA D 182 14.41 -10.12 -16.43
C ALA D 182 13.42 -10.32 -17.56
N SER D 183 13.31 -11.55 -18.07
CA SER D 183 12.39 -11.80 -19.17
C SER D 183 10.93 -11.71 -18.73
N LYS D 184 10.63 -12.22 -17.54
CA LYS D 184 9.26 -12.17 -16.99
C LYS D 184 8.87 -10.77 -16.52
N PHE D 185 9.81 -10.05 -15.91
CA PHE D 185 9.63 -8.63 -15.70
C PHE D 185 9.33 -7.94 -17.01
N ALA D 186 10.11 -8.24 -18.04
CA ALA D 186 9.88 -7.68 -19.39
C ALA D 186 8.46 -7.88 -19.87
N LEU D 187 7.92 -9.09 -19.72
CA LEU D 187 6.51 -9.38 -20.06
C LEU D 187 5.54 -8.46 -19.38
N ASP D 188 5.70 -8.28 -18.07
CA ASP D 188 4.80 -7.42 -17.32
C ASP D 188 4.85 -5.99 -17.87
N GLY D 189 6.04 -5.43 -17.96
CA GLY D 189 6.15 -4.08 -18.50
C GLY D 189 5.48 -3.92 -19.85
N PHE D 190 5.69 -4.87 -20.75
CA PHE D 190 5.19 -4.79 -22.11
C PHE D 190 3.69 -4.99 -22.16
N PHE D 191 3.21 -6.12 -21.65
CA PHE D 191 1.79 -6.45 -21.83
C PHE D 191 0.85 -5.65 -20.95
N SER D 192 1.36 -5.15 -19.84
CA SER D 192 0.59 -4.22 -19.04
C SER D 192 0.48 -2.91 -19.76
N SER D 193 1.52 -2.54 -20.50
CA SER D 193 1.50 -1.28 -21.24
C SER D 193 0.49 -1.33 -22.37
N ILE D 194 0.50 -2.41 -23.17
CA ILE D 194 -0.45 -2.54 -24.29
C ILE D 194 -1.88 -2.83 -23.80
N ARG D 195 -2.02 -3.38 -22.60
CA ARG D 195 -3.34 -3.51 -22.02
C ARG D 195 -4.00 -2.14 -21.91
N LYS D 196 -3.36 -1.20 -21.22
CA LYS D 196 -3.89 0.18 -21.06
C LYS D 196 -4.07 0.88 -22.41
N GLU D 197 -3.24 0.53 -23.40
CA GLU D 197 -3.37 1.06 -24.77
C GLU D 197 -4.66 0.59 -25.43
N TYR D 198 -4.98 -0.69 -25.25
CA TYR D 198 -6.19 -1.25 -25.84
C TYR D 198 -7.47 -0.67 -25.23
N SER D 199 -7.47 -0.43 -23.92
CA SER D 199 -8.55 0.31 -23.26
C SER D 199 -8.78 1.69 -23.89
N VAL D 200 -7.69 2.40 -24.17
CA VAL D 200 -7.77 3.72 -24.81
C VAL D 200 -7.76 3.65 -26.34
N SER D 201 -8.18 2.50 -26.88
CA SER D 201 -8.48 2.35 -28.29
C SER D 201 -9.75 1.52 -28.50
N ARG D 202 -10.39 1.10 -27.41
CA ARG D 202 -11.52 0.19 -27.44
C ARG D 202 -11.27 -1.18 -28.14
N VAL D 203 -10.01 -1.54 -28.39
CA VAL D 203 -9.66 -2.84 -28.99
C VAL D 203 -10.03 -3.86 -27.95
N ASN D 204 -10.98 -4.73 -28.28
CA ASN D 204 -11.62 -5.55 -27.25
C ASN D 204 -10.91 -6.89 -27.04
N VAL D 205 -9.59 -6.85 -26.90
CA VAL D 205 -8.83 -8.05 -26.64
C VAL D 205 -8.32 -7.97 -25.21
N SER D 206 -8.63 -9.00 -24.42
CA SER D 206 -8.24 -9.05 -23.03
C SER D 206 -6.80 -9.53 -22.90
N ILE D 207 -6.16 -9.15 -21.80
CA ILE D 207 -4.77 -9.53 -21.50
C ILE D 207 -4.68 -9.97 -20.06
N THR D 208 -4.15 -11.17 -19.85
CA THR D 208 -4.11 -11.80 -18.52
C THR D 208 -2.69 -12.21 -18.15
N LEU D 209 -2.13 -11.57 -17.14
CA LEU D 209 -0.80 -11.92 -16.67
C LEU D 209 -0.97 -12.89 -15.52
N CYS D 210 -0.37 -14.06 -15.65
CA CYS D 210 -0.51 -15.12 -14.67
C CYS D 210 0.73 -15.19 -13.78
N VAL D 211 0.58 -14.79 -12.54
CA VAL D 211 1.68 -14.77 -11.61
C VAL D 211 1.57 -16.05 -10.83
N LEU D 212 2.49 -16.96 -11.08
CA LEU D 212 2.43 -18.31 -10.50
C LEU D 212 3.60 -18.53 -9.57
N GLY D 213 3.33 -19.10 -8.40
CA GLY D 213 4.38 -19.56 -7.50
C GLY D 213 4.91 -20.91 -7.95
N LEU D 214 5.71 -21.56 -7.09
CA LEU D 214 6.28 -22.87 -7.41
C LEU D 214 5.16 -23.89 -7.75
N ILE D 215 5.28 -24.52 -8.92
CA ILE D 215 4.33 -25.54 -9.40
C ILE D 215 5.04 -26.91 -9.51
N ASP D 216 4.28 -27.98 -9.37
CA ASP D 216 4.81 -29.35 -9.37
C ASP D 216 5.08 -29.94 -10.77
N THR D 217 5.61 -29.15 -11.69
CA THR D 217 5.94 -29.65 -13.02
C THR D 217 7.25 -30.45 -12.96
N GLU D 218 7.45 -31.30 -13.97
CA GLU D 218 8.61 -32.20 -14.04
C GLU D 218 9.93 -31.43 -13.95
N THR D 219 10.14 -30.53 -14.91
CA THR D 219 11.40 -29.76 -15.02
C THR D 219 11.68 -28.89 -13.80
N ALA D 220 10.64 -28.17 -13.36
CA ALA D 220 10.77 -27.24 -12.22
C ALA D 220 11.24 -27.94 -10.95
N MET D 221 10.65 -29.10 -10.68
CA MET D 221 11.07 -29.92 -9.54
C MET D 221 12.55 -30.35 -9.70
N LYS D 222 12.95 -30.79 -10.90
CA LYS D 222 14.35 -31.18 -11.17
C LYS D 222 15.33 -30.00 -11.31
N ALA D 223 14.93 -28.80 -10.83
CA ALA D 223 15.77 -27.59 -10.84
C ALA D 223 15.90 -26.96 -9.46
N VAL D 224 14.79 -26.89 -8.71
CA VAL D 224 14.76 -26.45 -7.30
C VAL D 224 14.97 -27.66 -6.36
N HIS D 229 13.80 -25.53 -0.88
CA HIS D 229 12.70 -26.27 -0.26
C HIS D 229 11.49 -25.37 0.01
N MET D 230 10.31 -25.83 -0.43
CA MET D 230 9.04 -25.10 -0.26
C MET D 230 7.89 -25.93 -0.80
N GLN D 231 6.68 -25.64 -0.34
CA GLN D 231 5.49 -26.32 -0.86
C GLN D 231 5.30 -25.95 -2.33
N ALA D 232 4.98 -26.95 -3.16
CA ALA D 232 4.77 -26.78 -4.60
C ALA D 232 3.35 -27.14 -4.99
N ALA D 233 2.63 -26.20 -5.60
CA ALA D 233 1.21 -26.40 -5.95
C ALA D 233 1.00 -27.43 -7.07
N PRO D 234 -0.22 -28.02 -7.15
CA PRO D 234 -0.56 -28.99 -8.19
C PRO D 234 -0.85 -28.38 -9.59
N LYS D 235 -0.18 -28.95 -10.61
CA LYS D 235 -0.22 -28.48 -12.00
C LYS D 235 -1.61 -28.45 -12.66
N GLU D 236 -2.57 -29.19 -12.10
CA GLU D 236 -3.89 -29.36 -12.69
C GLU D 236 -4.78 -28.16 -12.38
N GLU D 237 -4.84 -27.77 -11.10
CA GLU D 237 -5.59 -26.56 -10.69
C GLU D 237 -4.93 -25.28 -11.22
N CYS D 238 -3.62 -25.34 -11.40
CA CYS D 238 -2.86 -24.24 -12.01
C CYS D 238 -3.35 -23.96 -13.43
N ALA D 239 -3.22 -24.98 -14.30
CA ALA D 239 -3.64 -24.88 -15.71
C ALA D 239 -5.08 -24.43 -15.81
N LEU D 240 -5.90 -25.05 -14.97
CA LEU D 240 -7.30 -24.68 -14.80
C LEU D 240 -7.48 -23.21 -14.39
N GLU D 241 -6.75 -22.82 -13.35
CA GLU D 241 -6.82 -21.46 -12.81
C GLU D 241 -6.48 -20.47 -13.91
N ILE D 242 -5.39 -20.75 -14.63
CA ILE D 242 -4.95 -19.88 -15.73
C ILE D 242 -6.07 -19.68 -16.75
N ILE D 243 -6.64 -20.78 -17.22
CA ILE D 243 -7.70 -20.75 -18.26
C ILE D 243 -8.92 -19.99 -17.75
N LYS D 244 -9.33 -20.29 -16.52
CA LYS D 244 -10.42 -19.57 -15.88
C LYS D 244 -10.19 -18.07 -16.02
N GLY D 245 -9.03 -17.59 -15.55
CA GLY D 245 -8.72 -16.16 -15.59
C GLY D 245 -8.74 -15.56 -17.00
N GLY D 246 -8.21 -16.32 -17.96
CA GLY D 246 -8.22 -15.91 -19.35
C GLY D 246 -9.62 -15.82 -19.92
N ALA D 247 -10.42 -16.84 -19.64
CA ALA D 247 -11.84 -16.84 -19.98
C ALA D 247 -12.59 -15.66 -19.33
N LEU D 248 -12.33 -15.44 -18.04
CA LEU D 248 -12.99 -14.37 -17.30
C LEU D 248 -12.49 -12.98 -17.66
N ARG D 249 -11.41 -12.88 -18.45
CA ARG D 249 -10.81 -11.61 -18.88
C ARG D 249 -10.23 -10.81 -17.71
N GLN D 250 -9.71 -11.54 -16.72
CA GLN D 250 -9.06 -10.94 -15.56
C GLN D 250 -7.71 -10.35 -16.00
N GLU D 251 -7.37 -9.18 -15.45
CA GLU D 251 -6.08 -8.56 -15.74
C GLU D 251 -4.93 -9.44 -15.26
N GLU D 252 -5.05 -9.95 -14.03
CA GLU D 252 -4.01 -10.80 -13.48
C GLU D 252 -4.58 -12.00 -12.74
N VAL D 253 -3.83 -13.08 -12.73
CA VAL D 253 -4.21 -14.31 -12.05
C VAL D 253 -3.08 -14.66 -11.12
N TYR D 254 -3.39 -14.89 -9.86
CA TYR D 254 -2.40 -15.25 -8.87
C TYR D 254 -2.68 -16.67 -8.47
N TYR D 255 -1.63 -17.43 -8.20
CA TYR D 255 -1.78 -18.82 -7.82
C TYR D 255 -0.50 -19.30 -7.14
N ASP D 256 -0.58 -19.62 -5.85
CA ASP D 256 0.57 -20.12 -5.11
C ASP D 256 0.08 -21.09 -4.04
N SER D 257 0.92 -22.08 -3.74
CA SER D 257 0.64 -23.05 -2.67
C SER D 257 0.58 -22.42 -1.27
N SER D 258 1.01 -21.16 -1.13
CA SER D 258 0.84 -20.38 0.09
C SER D 258 -0.17 -19.24 -0.11
N LEU D 259 -1.32 -19.33 0.56
CA LEU D 259 -2.36 -18.28 0.49
C LEU D 259 -2.00 -17.01 1.27
N TRP D 260 -1.09 -17.09 2.24
CA TRP D 260 -0.55 -15.89 2.90
C TRP D 260 0.15 -15.00 1.88
N THR D 261 0.92 -15.61 0.98
CA THR D 261 1.66 -14.86 -0.04
C THR D 261 0.74 -14.18 -1.05
N THR D 262 -0.19 -14.95 -1.61
CA THR D 262 -1.03 -14.52 -2.76
C THR D 262 -1.65 -13.13 -2.59
N LEU D 263 -2.07 -12.80 -1.36
CA LEU D 263 -2.64 -11.49 -1.06
C LEU D 263 -1.54 -10.41 -1.06
N LEU D 264 -0.38 -10.75 -0.50
CA LEU D 264 0.79 -9.83 -0.44
C LEU D 264 1.56 -9.67 -1.76
N ILE D 265 1.36 -10.58 -2.72
CA ILE D 265 1.99 -10.47 -4.07
C ILE D 265 1.34 -9.43 -4.97
N ARG D 266 0.09 -9.12 -4.69
CA ARG D 266 -0.58 -7.99 -5.33
C ARG D 266 0.06 -6.68 -4.86
N ASN D 267 -0.02 -5.66 -5.72
CA ASN D 267 0.66 -4.38 -5.53
C ASN D 267 -0.36 -3.24 -5.63
N PRO D 268 -0.94 -2.81 -4.49
CA PRO D 268 -1.94 -1.74 -4.49
C PRO D 268 -1.34 -0.36 -4.80
N SER D 269 -0.15 -0.09 -4.27
CA SER D 269 0.65 1.11 -4.57
C SER D 269 0.69 1.41 -6.08
N ARG D 270 0.94 0.37 -6.87
CA ARG D 270 1.06 0.48 -8.32
C ARG D 270 -0.26 0.86 -9.01
N LYS D 271 -1.38 0.22 -8.61
CA LYS D 271 -2.69 0.49 -9.22
C LYS D 271 -3.13 1.95 -9.03
N ILE D 272 -2.80 2.52 -7.86
CA ILE D 272 -3.06 3.92 -7.57
C ILE D 272 -2.39 4.73 -8.67
N LEU D 273 -1.05 4.66 -8.71
CA LEU D 273 -0.21 5.49 -9.59
C LEU D 273 -0.61 5.44 -11.06
N GLU D 274 -1.06 4.26 -11.51
CA GLU D 274 -1.48 4.08 -12.90
C GLU D 274 -2.77 4.83 -13.23
N PHE D 275 -3.77 4.69 -12.34
CA PHE D 275 -5.02 5.46 -12.46
C PHE D 275 -4.77 6.94 -12.19
N LEU D 276 -3.85 7.24 -11.26
CA LEU D 276 -3.47 8.63 -11.00
C LEU D 276 -2.92 9.32 -12.25
N TYR D 277 -1.81 8.80 -12.77
CA TYR D 277 -1.22 9.34 -14.00
C TYR D 277 -2.10 9.16 -15.25
N SER D 278 -3.12 8.31 -15.16
CA SER D 278 -4.17 8.17 -16.20
C SER D 278 -4.77 9.50 -16.67
N THR D 279 -4.63 10.56 -15.87
CA THR D 279 -4.85 11.94 -16.31
C THR D 279 -3.80 12.37 -17.34
PA NAP E . -1.89 -5.33 32.78
O1A NAP E . -0.67 -6.20 33.03
O2A NAP E . -3.24 -5.87 33.13
O5B NAP E . -1.63 -3.94 33.48
C5B NAP E . -2.75 -3.05 33.71
C4B NAP E . -2.38 -1.96 34.68
O4B NAP E . -3.42 -0.94 34.67
C3B NAP E . -2.29 -2.51 36.11
O3B NAP E . -1.15 -1.96 36.79
C2B NAP E . -3.62 -2.09 36.72
O2B NAP E . -3.53 -1.89 38.13
C1B NAP E . -3.93 -0.78 35.99
N9A NAP E . -5.35 -0.41 36.03
C8A NAP E . -6.46 -1.19 35.83
N7A NAP E . -7.59 -0.55 35.99
C5A NAP E . -7.23 0.74 36.33
C6A NAP E . -7.95 1.93 36.64
N6A NAP E . -9.29 1.97 36.61
N1A NAP E . -7.26 3.06 36.94
C2A NAP E . -5.92 2.99 36.93
N3A NAP E . -5.14 1.94 36.66
C4A NAP E . -5.84 0.84 36.36
O3 NAP E . -1.89 -4.86 31.28
PN NAP E . -0.78 -4.90 30.17
O1N NAP E . 0.57 -4.54 30.82
O2N NAP E . -1.01 -6.20 29.49
O5D NAP E . -1.11 -3.74 29.17
C5D NAP E . -0.33 -2.52 29.17
C4D NAP E . -0.64 -1.62 27.99
O4D NAP E . -0.17 -2.22 26.76
C3D NAP E . -2.12 -1.36 27.75
O3D NAP E . -2.23 -0.03 27.26
C2D NAP E . -2.51 -2.37 26.69
O2D NAP E . -3.63 -1.96 25.93
C1D NAP E . -1.23 -2.42 25.85
N1N NAP E . -1.03 -3.70 25.11
C2N NAP E . -0.94 -4.86 25.76
C3N NAP E . -0.74 -6.04 25.07
C7N NAP E . -0.64 -7.38 25.75
O7N NAP E . -0.48 -8.43 25.10
N7N NAP E . -0.74 -7.45 27.07
C4N NAP E . -0.63 -6.01 23.69
C5N NAP E . -0.72 -4.80 23.05
C6N NAP E . -0.92 -3.66 23.76
P2B NAP E . -4.66 -2.32 39.17
O1X NAP E . -3.88 -2.74 40.43
O2X NAP E . -5.56 -1.16 39.39
O3X NAP E . -5.42 -3.51 38.59
C4 7H6 F . -4.86 -7.98 22.74
C5 7H6 F . -4.15 -9.20 22.12
C6 7H6 F . -3.69 -8.97 20.67
C7 7H6 F . -5.25 -9.94 18.78
C8 7H6 F . -5.71 -8.42 23.99
C10 7H6 F . -3.65 -7.53 24.85
C13 7H6 F . -7.93 -8.20 25.35
C15 7H6 F . -3.79 -5.70 23.18
O3 7H6 F . -3.34 -5.24 22.10
O2 7H6 F . -4.28 -5.02 24.09
C11 7H6 F . -3.69 -7.17 23.35
C9 7H6 F . -5.10 -7.76 25.22
C12 7H6 F . -7.24 -8.14 23.98
C14 7H6 F . -7.86 -9.11 22.98
C3 7H6 F . -5.65 -7.26 21.57
C2 7H6 F . -5.94 -8.18 20.41
O1 7H6 F . -2.98 -7.73 20.45
C1 7H6 F . -5.00 -9.00 19.94
PA NAP G . -24.25 19.76 9.98
O1A NAP G . -24.79 20.45 8.70
O2A NAP G . -23.55 20.54 11.04
O5B NAP G . -25.47 19.01 10.62
C5B NAP G . -25.39 18.46 11.95
C4B NAP G . -26.70 17.81 12.29
O4B NAP G . -26.59 17.19 13.59
C3B NAP G . -27.85 18.82 12.39
O3B NAP G . -29.11 18.27 12.00
C2B NAP G . -27.91 19.10 13.87
O2B NAP G . -29.24 19.54 14.21
C1B NAP G . -27.56 17.75 14.47
N9A NAP G . -27.03 17.86 15.83
C8A NAP G . -26.08 18.72 16.29
N7A NAP G . -25.83 18.59 17.57
C5A NAP G . -26.70 17.57 17.97
C6A NAP G . -26.94 16.96 19.23
N6A NAP G . -26.26 17.34 20.31
N1A NAP G . -27.87 15.98 19.30
C2A NAP G . -28.54 15.64 18.17
N3A NAP G . -28.36 16.15 16.95
C4A NAP G . -27.45 17.12 16.91
O3 NAP G . -23.32 18.57 9.54
PN NAP G . -22.76 18.05 8.15
O1N NAP G . -23.96 17.72 7.26
O2N NAP G . -21.65 18.97 7.77
O5D NAP G . -22.12 16.70 8.66
C5D NAP G . -22.95 15.55 8.93
C4D NAP G . -22.05 14.36 9.06
O4D NAP G . -21.15 14.29 7.94
C3D NAP G . -21.20 14.41 10.32
O3D NAP G . -21.11 13.09 10.85
C2D NAP G . -19.85 14.86 9.84
O2D NAP G . -18.79 14.37 10.66
C1D NAP G . -19.83 14.24 8.43
N1N NAP G . -18.87 14.95 7.57
C2N NAP G . -19.18 16.14 7.05
C3N NAP G . -18.27 16.82 6.23
C7N NAP G . -18.56 18.15 5.62
O7N NAP G . -17.69 18.69 4.92
N7N NAP G . -19.73 18.78 5.79
C4N NAP G . -17.03 16.24 5.99
C5N NAP G . -16.75 15.01 6.55
C6N NAP G . -17.68 14.39 7.34
P2B NAP G . -29.53 20.43 15.48
O1X NAP G . -30.80 21.21 15.07
O2X NAP G . -29.77 19.41 16.56
O3X NAP G . -28.37 21.39 15.78
C4 7H6 H . -13.75 18.86 8.26
C5 7H6 H . -13.19 19.54 7.00
C6 7H6 H . -12.19 18.66 6.23
C7 7H6 H . -9.64 19.01 6.65
C8 7H6 H . -14.39 19.94 9.21
C10 7H6 H . -16.23 18.98 7.94
C13 7H6 H . -14.71 20.77 11.64
C15 7H6 H . -15.17 16.77 8.36
O3 7H6 H . -14.44 15.87 7.93
O2 7H6 H . -16.02 16.61 9.26
C11 7H6 H . -14.99 18.09 7.71
C9 7H6 H . -15.91 19.74 9.23
C12 7H6 H . -13.83 20.01 10.65
C14 7H6 H . -12.43 20.61 10.55
C3 7H6 H . -12.61 17.96 8.87
C2 7H6 H . -11.23 18.39 8.42
O1 7H6 H . -12.68 17.34 5.96
C1 7H6 H . -11.00 18.67 7.15
PA NAP I . 18.61 11.69 -23.87
O1A NAP I . 18.72 13.12 -23.36
O2A NAP I . 17.92 11.40 -25.15
O5B NAP I . 20.07 11.12 -23.96
C5B NAP I . 20.31 9.76 -24.37
C4B NAP I . 21.79 9.50 -24.50
O4B NAP I . 22.06 8.19 -25.10
C3B NAP I . 22.46 10.51 -25.41
O3B NAP I . 23.74 10.85 -24.91
C2B NAP I . 22.62 9.78 -26.70
O2B NAP I . 23.76 10.31 -27.39
C1B NAP I . 22.85 8.35 -26.25
N9A NAP I . 22.49 7.33 -27.23
C8A NAP I . 21.39 7.24 -28.05
N7A NAP I . 21.39 6.15 -28.80
C5A NAP I . 22.54 5.48 -28.46
C6A NAP I . 23.17 4.27 -28.86
N6A NAP I . 22.64 3.46 -29.80
N1A NAP I . 24.35 3.89 -28.28
C2A NAP I . 24.88 4.70 -27.36
N3A NAP I . 24.38 5.86 -26.92
C4A NAP I . 23.22 6.21 -27.49
O3 NAP I . 17.96 10.87 -22.69
PN NAP I . 17.70 11.42 -21.23
O1N NAP I . 18.97 12.13 -20.73
O2N NAP I . 16.43 12.17 -21.32
O5D NAP I . 17.52 10.16 -20.33
C5D NAP I . 18.66 9.30 -20.11
C4D NAP I . 18.32 8.18 -19.16
O4D NAP I . 17.41 8.62 -18.11
C3D NAP I . 17.64 7.01 -19.86
O3D NAP I . 18.05 5.81 -19.22
C2D NAP I . 16.18 7.24 -19.59
O2D NAP I . 15.47 6.01 -19.68
C1D NAP I . 16.25 7.82 -18.17
N1N NAP I . 15.04 8.60 -17.84
C2N NAP I . 14.81 9.79 -18.37
C3N NAP I . 13.68 10.51 -18.04
C7N NAP I . 13.37 11.85 -18.62
O7N NAP I . 12.33 12.44 -18.29
N7N NAP I . 14.20 12.43 -19.49
C4N NAP I . 12.78 9.97 -17.15
C5N NAP I . 13.03 8.73 -16.60
C6N NAP I . 14.17 8.06 -16.96
P2B NAP I . 23.95 10.12 -28.94
O1X NAP I . 24.98 11.16 -29.34
O2X NAP I . 24.38 8.71 -29.18
O3X NAP I . 22.60 10.46 -29.60
C4 7H6 J . 8.85 9.49 -20.14
C5 7H6 J . 8.01 10.62 -19.54
C6 7H6 J . 7.33 10.24 -18.20
C7 7H6 J . 4.84 9.50 -18.22
C8 7H6 J . 9.15 9.77 -21.65
C10 7H6 J . 11.10 10.53 -20.41
C13 7H6 J . 9.57 8.76 -23.98
C15 7H6 J . 10.94 8.37 -19.13
O3 7H6 J . 11.85 7.95 -19.87
O2 7H6 J . 10.59 7.77 -18.10
C11 7H6 J . 10.25 9.67 -19.45
C9 7H6 J . 10.64 10.15 -21.80
C12 7H6 J . 8.84 8.64 -22.63
C14 7H6 J . 7.32 8.62 -22.80
C3 7H6 J . 8.10 8.15 -19.78
C2 7H6 J . 6.64 8.33 -19.47
O1 7H6 J . 8.16 9.64 -17.19
C1 7H6 J . 6.26 9.30 -18.65
PA NAP K . 8.24 -27.08 -18.80
O1A NAP K . 7.46 -28.24 -18.16
O2A NAP K . 9.72 -27.14 -18.80
O5B NAP K . 7.71 -26.86 -20.26
C5B NAP K . 8.44 -26.04 -21.19
C4B NAP K . 7.71 -26.02 -22.50
O4B NAP K . 8.30 -25.09 -23.43
C3B NAP K . 7.77 -27.39 -23.16
O3B NAP K . 6.53 -27.68 -23.77
C2B NAP K . 8.87 -27.21 -24.18
O2B NAP K . 8.72 -28.10 -25.30
C1B NAP K . 8.71 -25.75 -24.61
N9A NAP K . 9.94 -25.17 -25.15
C8A NAP K . 11.22 -25.22 -24.64
N7A NAP K . 12.10 -24.57 -25.38
C5A NAP K . 11.34 -24.06 -26.43
C6A NAP K . 11.64 -23.27 -27.56
N6A NAP K . 12.89 -22.85 -27.78
N1A NAP K . 10.65 -22.94 -28.41
C2A NAP K . 9.39 -23.36 -28.15
N3A NAP K . 8.99 -24.11 -27.12
C4A NAP K . 10.00 -24.42 -26.29
O3 NAP K . 7.80 -25.71 -18.16
PN NAP K . 6.67 -25.39 -17.11
O1N NAP K . 5.40 -26.10 -17.58
O2N NAP K . 7.28 -25.62 -15.79
O5D NAP K . 6.47 -23.85 -17.29
C5D NAP K . 5.31 -23.31 -17.96
C4D NAP K . 5.25 -21.82 -17.76
O4D NAP K . 4.89 -21.51 -16.39
C3D NAP K . 6.55 -21.08 -18.03
O3D NAP K . 6.27 -19.83 -18.64
C2D NAP K . 7.15 -20.83 -16.65
O2D NAP K . 7.98 -19.67 -16.59
C1D NAP K . 5.86 -20.66 -15.85
N1N NAP K . 6.07 -21.01 -14.44
C2N NAP K . 6.30 -22.26 -14.09
C3N NAP K . 6.50 -22.58 -12.74
C7N NAP K . 6.77 -23.98 -12.25
O7N NAP K . 6.95 -24.19 -11.05
N7N NAP K . 6.83 -25.00 -13.11
C4N NAP K . 6.45 -21.55 -11.80
C5N NAP K . 6.20 -20.26 -12.20
C6N NAP K . 6.02 -20.01 -13.54
P2B NAP K . 9.97 -28.91 -25.86
O1X NAP K . 9.38 -30.16 -26.51
O2X NAP K . 10.60 -28.01 -26.85
O3X NAP K . 10.88 -29.30 -24.68
C4 7H6 L . 11.05 -21.22 -10.25
C5 7H6 L . 10.71 -21.79 -8.86
C6 7H6 L . 10.03 -20.77 -7.95
C7 7H6 L . 11.56 -19.60 -6.16
C8 7H6 L . 12.06 -22.16 -11.00
C10 7H6 L . 9.86 -22.76 -11.83
C13 7H6 L . 14.12 -22.32 -12.54
C15 7H6 L . 9.41 -20.29 -11.92
O3 7H6 L . 9.78 -20.32 -13.11
O2 7H6 L . 8.78 -19.37 -11.37
C11 7H6 L . 9.72 -21.45 -11.04
C9 7H6 L . 11.34 -22.83 -12.18
C12 7H6 L . 13.40 -21.52 -11.46
C14 7H6 L . 14.28 -21.32 -10.21
C3 7H6 L . 11.48 -19.72 -10.01
C2 7H6 L . 11.91 -19.42 -8.60
O1 7H6 L . 8.94 -20.06 -8.59
C1 7H6 L . 11.19 -19.88 -7.58
#